data_7NQZ
#
_entry.id   7NQZ
#
_cell.length_a   79.87
_cell.length_b   103.226
_cell.length_c   104.065
_cell.angle_alpha   90
_cell.angle_beta   90
_cell.angle_gamma   90
#
_symmetry.space_group_name_H-M   'P 21 21 21'
#
loop_
_entity.id
_entity.type
_entity.pdbx_description
1 polymer 'Heat shock protein 70'
2 non-polymer GLYCEROL
3 non-polymer 'TETRAETHYLENE GLYCOL'
4 non-polymer 'AMP PHOSPHORAMIDATE'
5 non-polymer 'PHOSPHATE ION'
6 non-polymer 'CHLORIDE ION'
7 non-polymer (3S)-N-benzylpyrrolidin-3-amine
8 water water
#
_entity_poly.entity_id   1
_entity_poly.type   'polypeptide(L)'
_entity_poly.pdbx_seq_one_letter_code
;GPAEESEVAIGIDLGTTYSCVGICRNGVVDIIANDQGNRTTPSYVAFTDTERLIGDAAKNQASRNPENTVFDAKRLIGRK
FSETTVQSDMKHWPFTVKGGSDGKPMIEVSYQGEKKTFHPEEISSMVLKKMKEVAETYLGKPVKNAVITVPAYFNDSQRQ
ATKDAGAIAGLNVLRIINEPTAAAIAYGLDKKGKGEQNILIFDLGGGTFDVSLLTLEDGIFEVKATSGDTHLGGEDFDNK
LVNFCVQDFKKKNGGKDVSKNSKSLRRLRTQCEKAKRVLSSSAQATIEVDSLFDGIDYNVNITRAKFEELCMDQFRNTLI
PVEKVLKDAKMDKSQVHEIVLVGGSTRIPKIQQLIKDFFNGKEP(CSX)KAINPDEAVAYGAAVQAAILSGDQSSAV
;
_entity_poly.pdbx_strand_id   A,B
#
loop_
_chem_comp.id
_chem_comp.type
_chem_comp.name
_chem_comp.formula
AN2 non-polymer 'AMP PHOSPHORAMIDATE' 'C10 H16 N6 O9 P2'
CL non-polymer 'CHLORIDE ION' 'Cl -1'
GOL non-polymer GLYCEROL 'C3 H8 O3'
PG4 non-polymer 'TETRAETHYLENE GLYCOL' 'C8 H18 O5'
PO4 non-polymer 'PHOSPHATE ION' 'O4 P -3'
WM7 non-polymer (3S)-N-benzylpyrrolidin-3-amine 'C11 H16 N2'
#
# COMPACT_ATOMS: atom_id res chain seq x y z
N GLU A 7 -19.72 -5.90 -26.62
CA GLU A 7 -19.36 -4.61 -27.20
C GLU A 7 -19.48 -3.49 -26.15
N VAL A 8 -20.68 -3.38 -25.54
CA VAL A 8 -21.01 -2.32 -24.62
C VAL A 8 -20.32 -2.48 -23.26
N ALA A 9 -19.54 -1.43 -22.90
CA ALA A 9 -18.83 -1.33 -21.62
C ALA A 9 -19.23 -0.03 -20.88
N ILE A 10 -19.51 -0.18 -19.59
CA ILE A 10 -19.92 0.88 -18.68
C ILE A 10 -18.84 1.17 -17.66
N GLY A 11 -18.91 2.34 -17.07
CA GLY A 11 -18.03 2.72 -15.98
C GLY A 11 -18.87 2.84 -14.74
N ILE A 12 -18.42 2.23 -13.65
CA ILE A 12 -19.17 2.27 -12.39
C ILE A 12 -18.32 2.81 -11.28
N ASP A 13 -18.80 3.88 -10.65
CA ASP A 13 -18.24 4.38 -9.41
C ASP A 13 -19.04 3.64 -8.31
N LEU A 14 -18.41 2.68 -7.63
CA LEU A 14 -19.01 1.94 -6.52
C LEU A 14 -18.64 2.71 -5.25
N GLY A 15 -19.46 3.69 -4.87
CA GLY A 15 -19.18 4.57 -3.76
C GLY A 15 -19.58 4.04 -2.39
N THR A 16 -19.00 4.67 -1.34
CA THR A 16 -19.29 4.30 0.04
C THR A 16 -20.77 4.48 0.34
N THR A 17 -21.35 5.64 -0.05
CA THR A 17 -22.74 5.99 0.24
C THR A 17 -23.59 5.98 -1.05
N TYR A 18 -23.03 6.41 -2.20
CA TYR A 18 -23.72 6.46 -3.51
C TYR A 18 -22.88 5.84 -4.62
N SER A 19 -23.56 5.23 -5.59
CA SER A 19 -22.92 4.67 -6.76
C SER A 19 -23.45 5.36 -8.02
N CYS A 20 -22.70 5.29 -9.12
CA CYS A 20 -23.04 6.02 -10.31
C CYS A 20 -22.54 5.22 -11.51
N VAL A 21 -23.35 5.16 -12.56
CA VAL A 21 -22.99 4.43 -13.77
C VAL A 21 -23.01 5.36 -14.99
N GLY A 22 -21.99 5.23 -15.83
CA GLY A 22 -21.91 6.04 -17.04
C GLY A 22 -21.53 5.22 -18.26
N ILE A 23 -21.79 5.76 -19.44
CA ILE A 23 -21.41 5.15 -20.70
C ILE A 23 -20.81 6.19 -21.62
N CYS A 24 -19.70 5.86 -22.27
CA CYS A 24 -19.03 6.73 -23.20
C CYS A 24 -19.23 6.15 -24.57
N ARG A 25 -19.98 6.86 -25.40
CA ARG A 25 -20.27 6.45 -26.75
C ARG A 25 -20.05 7.64 -27.65
N ASN A 26 -19.39 7.43 -28.78
CA ASN A 26 -19.14 8.50 -29.73
C ASN A 26 -18.35 9.66 -29.11
N GLY A 27 -17.51 9.37 -28.13
CA GLY A 27 -16.70 10.37 -27.45
C GLY A 27 -17.43 11.19 -26.40
N VAL A 28 -18.72 10.93 -26.22
CA VAL A 28 -19.54 11.66 -25.28
C VAL A 28 -19.98 10.74 -24.13
N VAL A 29 -20.00 11.28 -22.91
CA VAL A 29 -20.35 10.48 -21.75
C VAL A 29 -21.75 10.76 -21.25
N ASP A 30 -22.62 9.74 -21.17
CA ASP A 30 -23.92 9.86 -20.52
C ASP A 30 -23.91 9.18 -19.13
N ILE A 31 -24.22 9.97 -18.06
CA ILE A 31 -24.41 9.44 -16.71
C ILE A 31 -25.87 9.02 -16.68
N ILE A 32 -26.14 7.75 -16.39
CA ILE A 32 -27.45 7.17 -16.50
C ILE A 32 -28.30 7.28 -15.23
N ALA A 33 -29.47 7.90 -15.36
CA ALA A 33 -30.46 8.06 -14.30
C ALA A 33 -31.14 6.73 -14.02
N ASN A 34 -31.44 6.46 -12.74
CA ASN A 34 -32.10 5.24 -12.34
C ASN A 34 -33.65 5.38 -12.51
N ASP A 35 -34.43 4.38 -12.02
CA ASP A 35 -35.89 4.34 -12.06
C ASP A 35 -36.56 5.57 -11.51
N GLN A 36 -35.98 6.19 -10.49
CA GLN A 36 -36.56 7.37 -9.86
C GLN A 36 -36.05 8.70 -10.46
N GLY A 37 -35.30 8.64 -11.56
CA GLY A 37 -34.71 9.79 -12.19
C GLY A 37 -33.44 10.29 -11.51
N ASN A 38 -32.86 9.50 -10.59
CA ASN A 38 -31.66 9.92 -9.86
C ASN A 38 -30.38 9.50 -10.58
N ARG A 39 -29.45 10.44 -10.74
CA ARG A 39 -28.22 10.18 -11.49
C ARG A 39 -27.14 9.42 -10.67
N THR A 40 -27.37 9.28 -9.36
CA THR A 40 -26.61 8.48 -8.40
C THR A 40 -27.63 7.63 -7.60
N THR A 41 -27.19 6.46 -7.13
CA THR A 41 -28.04 5.49 -6.44
C THR A 41 -27.39 5.11 -5.15
N PRO A 42 -28.11 5.20 -4.01
CA PRO A 42 -27.51 4.84 -2.73
C PRO A 42 -26.94 3.40 -2.75
N SER A 43 -25.75 3.22 -2.13
CA SER A 43 -25.12 1.90 -2.03
C SER A 43 -25.75 1.18 -0.80
N TYR A 44 -27.07 0.95 -0.87
CA TYR A 44 -27.87 0.38 0.20
C TYR A 44 -28.58 -0.85 -0.31
N VAL A 45 -28.66 -1.86 0.53
CA VAL A 45 -29.37 -3.11 0.27
C VAL A 45 -30.20 -3.42 1.51
N ALA A 46 -31.51 -3.56 1.37
CA ALA A 46 -32.38 -3.88 2.50
C ALA A 46 -33.12 -5.20 2.30
N PHE A 47 -33.41 -5.88 3.39
CA PHE A 47 -34.12 -7.14 3.37
C PHE A 47 -35.37 -6.98 4.24
N THR A 48 -36.55 -7.29 3.70
CA THR A 48 -37.83 -7.17 4.40
C THR A 48 -38.49 -8.57 4.51
N ASP A 49 -39.73 -8.64 5.03
CA ASP A 49 -40.48 -9.89 5.12
C ASP A 49 -40.81 -10.44 3.74
N THR A 50 -40.88 -9.58 2.70
CA THR A 50 -41.23 -10.01 1.36
C THR A 50 -40.17 -9.81 0.29
N GLU A 51 -39.35 -8.75 0.39
CA GLU A 51 -38.45 -8.43 -0.71
C GLU A 51 -37.04 -7.95 -0.34
N ARG A 52 -36.16 -7.93 -1.37
CA ARG A 52 -34.81 -7.43 -1.29
C ARG A 52 -34.80 -6.12 -2.07
N LEU A 53 -34.56 -5.00 -1.38
CA LEU A 53 -34.57 -3.68 -1.98
C LEU A 53 -33.14 -3.19 -2.19
N ILE A 54 -32.88 -2.50 -3.33
CA ILE A 54 -31.55 -1.99 -3.62
C ILE A 54 -31.65 -0.55 -4.08
N GLY A 55 -30.79 0.31 -3.56
CA GLY A 55 -30.73 1.70 -3.95
C GLY A 55 -31.68 2.59 -3.20
N ASP A 56 -32.39 3.45 -3.94
CA ASP A 56 -33.33 4.40 -3.37
C ASP A 56 -34.36 3.76 -2.48
N ALA A 57 -34.99 2.65 -2.92
CA ALA A 57 -36.00 1.98 -2.12
C ALA A 57 -35.43 1.46 -0.81
N ALA A 58 -34.17 1.00 -0.82
CA ALA A 58 -33.52 0.52 0.41
C ALA A 58 -33.21 1.68 1.34
N LYS A 59 -32.63 2.79 0.83
CA LYS A 59 -32.34 3.93 1.70
C LYS A 59 -33.63 4.56 2.28
N ASN A 60 -34.70 4.61 1.48
CA ASN A 60 -35.95 5.24 1.88
C ASN A 60 -36.63 4.54 3.07
N GLN A 61 -36.44 3.22 3.23
CA GLN A 61 -37.02 2.53 4.38
C GLN A 61 -36.00 2.24 5.50
N ALA A 62 -34.78 2.80 5.43
CA ALA A 62 -33.74 2.53 6.43
C ALA A 62 -34.17 2.81 7.86
N SER A 63 -34.85 3.93 8.11
CA SER A 63 -35.28 4.29 9.48
C SER A 63 -36.34 3.36 10.04
N ARG A 64 -37.18 2.76 9.18
CA ARG A 64 -38.22 1.81 9.60
C ARG A 64 -37.74 0.37 9.72
N ASN A 65 -36.56 0.06 9.17
CA ASN A 65 -36.01 -1.30 9.17
C ASN A 65 -34.47 -1.22 9.34
N PRO A 66 -33.99 -0.60 10.46
CA PRO A 66 -32.56 -0.39 10.62
C PRO A 66 -31.69 -1.62 10.69
N GLU A 67 -32.18 -2.67 11.33
CA GLU A 67 -31.40 -3.90 11.50
C GLU A 67 -31.13 -4.63 10.21
N ASN A 68 -32.05 -4.52 9.25
CA ASN A 68 -31.95 -5.28 8.01
C ASN A 68 -31.64 -4.42 6.76
N THR A 69 -31.17 -3.20 6.97
CA THR A 69 -30.78 -2.30 5.90
C THR A 69 -29.28 -2.15 5.97
N VAL A 70 -28.58 -2.67 4.97
CA VAL A 70 -27.12 -2.67 4.90
C VAL A 70 -26.61 -1.52 4.03
N PHE A 71 -25.56 -0.86 4.51
CA PHE A 71 -24.85 0.21 3.82
C PHE A 71 -23.37 0.16 4.31
N ASP A 72 -22.48 1.00 3.76
CA ASP A 72 -21.06 1.01 4.17
C ASP A 72 -20.32 -0.30 3.92
N ALA A 73 -20.83 -1.18 3.05
CA ALA A 73 -20.12 -2.44 2.77
C ALA A 73 -18.72 -2.17 2.20
N LYS A 74 -18.50 -1.00 1.54
CA LYS A 74 -17.19 -0.61 1.04
C LYS A 74 -16.16 -0.49 2.17
N ARG A 75 -16.61 -0.20 3.42
CA ARG A 75 -15.72 -0.13 4.57
C ARG A 75 -15.30 -1.52 5.05
N LEU A 76 -16.03 -2.57 4.65
CA LEU A 76 -15.72 -3.94 5.05
C LEU A 76 -15.11 -4.76 3.93
N ILE A 77 -15.34 -4.38 2.65
CA ILE A 77 -14.91 -5.21 1.52
C ILE A 77 -13.42 -5.47 1.50
N GLY A 78 -13.06 -6.75 1.41
CA GLY A 78 -11.67 -7.17 1.38
C GLY A 78 -10.94 -7.05 2.70
N ARG A 79 -11.66 -6.71 3.78
CA ARG A 79 -11.04 -6.64 5.11
C ARG A 79 -11.31 -7.90 5.92
N LYS A 80 -10.43 -8.17 6.88
CA LYS A 80 -10.60 -9.20 7.88
C LYS A 80 -11.42 -8.54 9.01
N PHE A 81 -12.37 -9.27 9.56
CA PHE A 81 -13.24 -8.79 10.63
C PHE A 81 -12.44 -8.24 11.83
N SER A 82 -11.27 -8.82 12.09
CA SER A 82 -10.41 -8.44 13.22
C SER A 82 -9.67 -7.10 13.02
N GLU A 83 -9.62 -6.56 11.80
CA GLU A 83 -8.95 -5.28 11.54
C GLU A 83 -9.49 -4.16 12.42
N THR A 84 -8.60 -3.29 12.92
CA THR A 84 -9.01 -2.24 13.83
C THR A 84 -10.00 -1.28 13.19
N THR A 85 -9.95 -1.06 11.84
CA THR A 85 -10.91 -0.18 11.22
C THR A 85 -12.32 -0.74 11.35
N VAL A 86 -12.47 -2.07 11.25
CA VAL A 86 -13.79 -2.69 11.42
C VAL A 86 -14.35 -2.48 12.87
N GLN A 87 -13.47 -2.67 13.86
CA GLN A 87 -13.83 -2.54 15.27
C GLN A 87 -14.37 -1.17 15.59
N SER A 88 -13.74 -0.18 15.02
CA SER A 88 -14.02 1.23 15.15
C SER A 88 -15.30 1.61 14.36
N ASP A 89 -15.41 1.16 13.10
CA ASP A 89 -16.55 1.53 12.25
C ASP A 89 -17.83 0.90 12.68
N MET A 90 -17.79 -0.27 13.28
CA MET A 90 -19.00 -1.05 13.58
C MET A 90 -19.95 -0.38 14.54
N LYS A 91 -19.47 0.59 15.33
CA LYS A 91 -20.34 1.34 16.26
C LYS A 91 -21.38 2.18 15.49
N HIS A 92 -21.06 2.54 14.23
CA HIS A 92 -21.89 3.35 13.37
C HIS A 92 -23.00 2.53 12.62
N TRP A 93 -23.02 1.18 12.79
CA TRP A 93 -23.93 0.36 12.01
C TRP A 93 -25.02 -0.26 12.83
N PRO A 94 -26.30 0.00 12.47
CA PRO A 94 -27.41 -0.65 13.20
C PRO A 94 -27.54 -2.14 12.86
N PHE A 95 -26.92 -2.60 11.77
CA PHE A 95 -26.95 -3.99 11.36
C PHE A 95 -25.81 -4.75 12.01
N THR A 96 -25.98 -6.06 12.14
CA THR A 96 -25.00 -6.91 12.80
C THR A 96 -23.94 -7.43 11.86
N VAL A 97 -22.68 -7.37 12.31
CA VAL A 97 -21.55 -7.88 11.56
C VAL A 97 -20.76 -8.76 12.50
N LYS A 98 -20.52 -10.01 12.11
CA LYS A 98 -19.75 -10.97 12.89
C LYS A 98 -18.62 -11.53 12.02
N GLY A 99 -17.65 -12.19 12.64
CA GLY A 99 -16.54 -12.79 11.91
C GLY A 99 -16.78 -14.24 11.59
N GLY A 100 -16.48 -14.62 10.36
CA GLY A 100 -16.58 -16.02 9.95
C GLY A 100 -15.35 -16.81 10.34
N SER A 101 -15.37 -18.13 10.14
CA SER A 101 -14.22 -18.98 10.50
C SER A 101 -12.98 -18.65 9.62
N ASP A 102 -13.22 -18.14 8.40
CA ASP A 102 -12.15 -17.68 7.52
C ASP A 102 -11.67 -16.24 7.86
N GLY A 103 -12.22 -15.63 8.91
CA GLY A 103 -11.88 -14.27 9.31
C GLY A 103 -12.56 -13.17 8.53
N LYS A 104 -13.41 -13.54 7.54
CA LYS A 104 -14.11 -12.57 6.73
C LYS A 104 -15.35 -12.06 7.48
N PRO A 105 -15.69 -10.78 7.31
CA PRO A 105 -16.93 -10.27 7.90
C PRO A 105 -18.17 -10.91 7.28
N MET A 106 -19.18 -11.14 8.09
CA MET A 106 -20.47 -11.71 7.70
C MET A 106 -21.51 -10.72 8.20
N ILE A 107 -22.26 -10.13 7.30
CA ILE A 107 -23.31 -9.19 7.64
C ILE A 107 -24.58 -10.00 7.85
N GLU A 108 -25.19 -9.92 9.04
CA GLU A 108 -26.38 -10.70 9.43
C GLU A 108 -27.66 -9.90 9.38
N VAL A 109 -28.61 -10.37 8.58
CA VAL A 109 -29.92 -9.73 8.40
C VAL A 109 -31.02 -10.81 8.49
N SER A 110 -32.28 -10.37 8.56
CA SER A 110 -33.44 -11.23 8.51
C SER A 110 -34.12 -10.92 7.17
N TYR A 111 -34.36 -11.95 6.37
CA TYR A 111 -34.98 -11.82 5.06
C TYR A 111 -36.06 -12.90 4.94
N GLN A 112 -37.34 -12.45 4.78
CA GLN A 112 -38.47 -13.37 4.71
C GLN A 112 -38.57 -14.29 5.94
N GLY A 113 -38.38 -13.71 7.13
CA GLY A 113 -38.43 -14.45 8.39
C GLY A 113 -37.28 -15.38 8.67
N GLU A 114 -36.21 -15.32 7.87
CA GLU A 114 -35.05 -16.21 8.04
C GLU A 114 -33.76 -15.43 8.23
N LYS A 115 -32.88 -15.94 9.12
CA LYS A 115 -31.57 -15.33 9.35
C LYS A 115 -30.67 -15.63 8.14
N LYS A 116 -30.12 -14.59 7.50
CA LYS A 116 -29.22 -14.69 6.35
C LYS A 116 -27.91 -13.95 6.64
N THR A 117 -26.80 -14.46 6.13
CA THR A 117 -25.49 -13.82 6.27
C THR A 117 -24.89 -13.56 4.89
N PHE A 118 -24.18 -12.43 4.74
CA PHE A 118 -23.57 -12.09 3.48
C PHE A 118 -22.18 -11.54 3.70
N HIS A 119 -21.27 -11.87 2.81
CA HIS A 119 -19.94 -11.27 2.81
C HIS A 119 -20.09 -9.86 2.23
N PRO A 120 -19.17 -8.94 2.56
CA PRO A 120 -19.24 -7.59 2.01
C PRO A 120 -19.29 -7.53 0.49
N GLU A 121 -18.55 -8.41 -0.21
CA GLU A 121 -18.56 -8.43 -1.67
C GLU A 121 -19.90 -8.91 -2.24
N GLU A 122 -20.68 -9.68 -1.46
CA GLU A 122 -22.01 -10.09 -1.89
C GLU A 122 -22.96 -8.89 -1.84
N ILE A 123 -22.86 -8.06 -0.81
CA ILE A 123 -23.67 -6.86 -0.71
C ILE A 123 -23.28 -5.90 -1.83
N SER A 124 -21.99 -5.71 -2.05
CA SER A 124 -21.51 -4.83 -3.13
C SER A 124 -21.89 -5.36 -4.51
N SER A 125 -21.94 -6.69 -4.69
CA SER A 125 -22.39 -7.28 -5.96
C SER A 125 -23.85 -6.93 -6.23
N MET A 126 -24.67 -6.80 -5.17
CA MET A 126 -26.07 -6.41 -5.36
C MET A 126 -26.18 -4.96 -5.82
N VAL A 127 -25.31 -4.08 -5.30
CA VAL A 127 -25.31 -2.69 -5.73
C VAL A 127 -24.84 -2.63 -7.20
N LEU A 128 -23.79 -3.41 -7.53
CA LEU A 128 -23.25 -3.43 -8.88
C LEU A 128 -24.27 -3.97 -9.88
N LYS A 129 -25.05 -4.97 -9.48
CA LYS A 129 -26.12 -5.58 -10.30
C LYS A 129 -27.21 -4.53 -10.56
N LYS A 130 -27.55 -3.72 -9.55
CA LYS A 130 -28.52 -2.65 -9.72
C LYS A 130 -27.99 -1.62 -10.74
N MET A 131 -26.71 -1.24 -10.66
CA MET A 131 -26.12 -0.27 -11.58
C MET A 131 -26.06 -0.82 -12.99
N LYS A 132 -25.79 -2.12 -13.14
CA LYS A 132 -25.77 -2.83 -14.41
C LYS A 132 -27.20 -2.75 -15.02
N GLU A 133 -28.23 -3.01 -14.21
CA GLU A 133 -29.62 -2.96 -14.63
C GLU A 133 -30.07 -1.56 -14.98
N VAL A 134 -29.56 -0.54 -14.28
CA VAL A 134 -29.86 0.86 -14.60
C VAL A 134 -29.35 1.16 -16.03
N ALA A 135 -28.12 0.71 -16.36
CA ALA A 135 -27.52 0.93 -17.68
C ALA A 135 -28.30 0.14 -18.74
N GLU A 136 -28.69 -1.10 -18.42
CA GLU A 136 -29.43 -1.96 -19.33
C GLU A 136 -30.80 -1.42 -19.66
N THR A 137 -31.50 -0.85 -18.68
CA THR A 137 -32.82 -0.27 -18.92
C THR A 137 -32.71 0.91 -19.87
N TYR A 138 -31.69 1.74 -19.71
CA TYR A 138 -31.43 2.89 -20.56
C TYR A 138 -31.04 2.45 -21.96
N LEU A 139 -30.13 1.48 -22.08
CA LEU A 139 -29.67 1.02 -23.39
C LEU A 139 -30.66 0.11 -24.13
N GLY A 140 -31.52 -0.55 -23.38
CA GLY A 140 -32.47 -1.53 -23.90
C GLY A 140 -31.78 -2.80 -24.35
N LYS A 141 -30.53 -3.05 -23.89
CA LYS A 141 -29.70 -4.18 -24.28
C LYS A 141 -28.87 -4.66 -23.08
N PRO A 142 -28.46 -5.93 -23.04
CA PRO A 142 -27.59 -6.40 -21.96
C PRO A 142 -26.21 -5.75 -22.00
N VAL A 143 -25.59 -5.60 -20.81
CA VAL A 143 -24.27 -5.00 -20.62
C VAL A 143 -23.43 -6.04 -19.90
N LYS A 144 -22.23 -6.37 -20.41
CA LYS A 144 -21.39 -7.38 -19.75
C LYS A 144 -20.10 -6.77 -19.23
N ASN A 145 -19.51 -5.84 -19.95
CA ASN A 145 -18.20 -5.28 -19.61
C ASN A 145 -18.29 -4.03 -18.79
N ALA A 146 -17.36 -3.87 -17.83
CA ALA A 146 -17.35 -2.70 -16.97
C ALA A 146 -15.98 -2.38 -16.45
N VAL A 147 -15.73 -1.09 -16.18
CA VAL A 147 -14.58 -0.65 -15.43
C VAL A 147 -15.17 -0.21 -14.09
N ILE A 148 -14.62 -0.74 -12.99
CA ILE A 148 -15.05 -0.36 -11.63
C ILE A 148 -13.91 0.38 -10.95
N THR A 149 -14.24 1.46 -10.26
CA THR A 149 -13.25 2.28 -9.56
C THR A 149 -13.18 1.91 -8.09
N VAL A 150 -12.01 2.18 -7.48
CA VAL A 150 -11.74 1.96 -6.05
C VAL A 150 -10.85 3.12 -5.55
N PRO A 151 -10.86 3.40 -4.24
CA PRO A 151 -9.95 4.43 -3.72
C PRO A 151 -8.49 4.06 -3.98
N ALA A 152 -7.61 5.05 -4.21
CA ALA A 152 -6.19 4.80 -4.49
C ALA A 152 -5.49 4.00 -3.39
N TYR A 153 -5.92 4.16 -2.14
CA TYR A 153 -5.31 3.46 -1.02
C TYR A 153 -5.81 2.01 -0.84
N PHE A 154 -6.80 1.55 -1.63
CA PHE A 154 -7.29 0.17 -1.52
C PHE A 154 -6.13 -0.81 -1.75
N ASN A 155 -6.01 -1.77 -0.86
CA ASN A 155 -4.97 -2.78 -0.96
C ASN A 155 -5.37 -3.89 -1.94
N ASP A 156 -4.50 -4.87 -2.18
CA ASP A 156 -4.79 -5.95 -3.11
C ASP A 156 -6.05 -6.74 -2.71
N SER A 157 -6.23 -6.98 -1.40
CA SER A 157 -7.39 -7.73 -0.94
C SER A 157 -8.71 -6.97 -1.21
N GLN A 158 -8.71 -5.66 -0.98
CA GLN A 158 -9.88 -4.81 -1.21
C GLN A 158 -10.20 -4.71 -2.70
N ARG A 159 -9.15 -4.60 -3.55
CA ARG A 159 -9.34 -4.54 -5.01
C ARG A 159 -9.87 -5.85 -5.56
N GLN A 160 -9.32 -6.96 -5.10
CA GLN A 160 -9.74 -8.26 -5.57
C GLN A 160 -11.16 -8.56 -5.16
N ALA A 161 -11.56 -8.22 -3.93
CA ALA A 161 -12.92 -8.44 -3.46
C ALA A 161 -13.92 -7.55 -4.25
N THR A 162 -13.49 -6.33 -4.66
CA THR A 162 -14.30 -5.45 -5.49
C THR A 162 -14.49 -6.08 -6.88
N LYS A 163 -13.43 -6.68 -7.43
CA LYS A 163 -13.49 -7.33 -8.74
C LYS A 163 -14.43 -8.53 -8.64
N ASP A 164 -14.34 -9.32 -7.55
CA ASP A 164 -15.19 -10.49 -7.27
C ASP A 164 -16.66 -10.05 -7.16
N ALA A 165 -16.91 -8.87 -6.55
CA ALA A 165 -18.27 -8.34 -6.46
C ALA A 165 -18.83 -8.10 -7.90
N GLY A 166 -17.98 -7.61 -8.79
CA GLY A 166 -18.36 -7.40 -10.18
C GLY A 166 -18.68 -8.72 -10.87
N ALA A 167 -17.83 -9.74 -10.68
CA ALA A 167 -18.06 -11.06 -11.28
C ALA A 167 -19.37 -11.67 -10.78
N ILE A 168 -19.65 -11.57 -9.48
CA ILE A 168 -20.89 -12.07 -8.89
C ILE A 168 -22.10 -11.35 -9.52
N ALA A 169 -21.97 -10.05 -9.83
CA ALA A 169 -23.04 -9.26 -10.45
C ALA A 169 -23.23 -9.56 -11.95
N GLY A 170 -22.39 -10.40 -12.53
CA GLY A 170 -22.47 -10.75 -13.94
C GLY A 170 -21.67 -9.83 -14.85
N LEU A 171 -20.69 -9.12 -14.29
CA LEU A 171 -19.88 -8.19 -15.06
C LEU A 171 -18.52 -8.77 -15.33
N ASN A 172 -18.01 -8.51 -16.50
CA ASN A 172 -16.66 -8.89 -16.90
C ASN A 172 -15.93 -7.60 -16.59
N VAL A 173 -15.15 -7.62 -15.54
CA VAL A 173 -14.44 -6.44 -15.09
C VAL A 173 -13.20 -6.26 -15.93
N LEU A 174 -13.27 -5.32 -16.87
CA LEU A 174 -12.13 -5.03 -17.74
C LEU A 174 -10.95 -4.55 -16.96
N ARG A 175 -11.20 -3.75 -15.90
CA ARG A 175 -10.15 -3.19 -15.08
C ARG A 175 -10.71 -2.53 -13.85
N ILE A 176 -9.93 -2.55 -12.78
CA ILE A 176 -10.16 -1.83 -11.54
C ILE A 176 -9.22 -0.62 -11.64
N ILE A 177 -9.74 0.61 -11.58
CA ILE A 177 -8.86 1.80 -11.65
C ILE A 177 -9.08 2.67 -10.41
N ASN A 178 -8.14 3.58 -10.12
CA ASN A 178 -8.26 4.47 -8.96
C ASN A 178 -9.27 5.57 -9.20
N GLU A 179 -10.03 5.91 -8.16
CA GLU A 179 -11.03 6.99 -8.19
C GLU A 179 -10.42 8.34 -8.54
N PRO A 180 -9.28 8.76 -7.95
CA PRO A 180 -8.71 10.06 -8.34
C PRO A 180 -8.26 10.11 -9.79
N THR A 181 -7.73 9.00 -10.29
CA THR A 181 -7.29 8.90 -11.66
C THR A 181 -8.51 8.96 -12.60
N ALA A 182 -9.63 8.30 -12.23
CA ALA A 182 -10.86 8.34 -13.01
C ALA A 182 -11.39 9.78 -13.10
N ALA A 183 -11.32 10.55 -12.00
CA ALA A 183 -11.79 11.94 -12.01
C ALA A 183 -10.93 12.76 -12.96
N ALA A 184 -9.59 12.54 -12.96
CA ALA A 184 -8.68 13.29 -13.83
C ALA A 184 -8.91 12.94 -15.28
N ILE A 185 -9.17 11.66 -15.58
CA ILE A 185 -9.47 11.20 -16.92
C ILE A 185 -10.73 11.86 -17.45
N ALA A 186 -11.78 11.99 -16.60
CA ALA A 186 -13.05 12.64 -16.95
C ALA A 186 -12.82 14.04 -17.52
N TYR A 187 -11.86 14.82 -16.93
CA TYR A 187 -11.60 16.17 -17.37
C TYR A 187 -10.64 16.27 -18.56
N GLY A 188 -10.18 15.13 -19.10
CA GLY A 188 -9.26 15.10 -20.22
C GLY A 188 -7.92 15.73 -19.91
N LEU A 189 -7.51 15.69 -18.63
CA LEU A 189 -6.24 16.26 -18.19
C LEU A 189 -5.04 15.40 -18.67
N ASP A 190 -5.31 14.14 -19.12
CA ASP A 190 -4.29 13.30 -19.73
C ASP A 190 -4.03 13.72 -21.20
N LYS A 191 -5.05 14.24 -21.88
CA LYS A 191 -4.93 14.62 -23.28
C LYS A 191 -4.64 16.12 -23.48
N LYS A 192 -5.36 17.01 -22.78
CA LYS A 192 -5.30 18.47 -22.97
C LYS A 192 -3.92 19.08 -22.69
N GLY A 193 -3.20 18.52 -21.72
CA GLY A 193 -1.87 18.98 -21.37
C GLY A 193 -0.82 18.66 -22.43
N LYS A 194 -0.28 17.41 -22.36
CA LYS A 194 0.78 16.80 -23.20
C LYS A 194 2.24 17.09 -22.73
N GLY A 195 2.35 17.85 -21.63
CA GLY A 195 3.55 18.17 -20.86
C GLY A 195 3.32 17.79 -19.39
N GLU A 196 4.32 17.98 -18.52
CA GLU A 196 4.20 17.62 -17.10
C GLU A 196 3.10 18.45 -16.42
N GLN A 197 2.16 17.77 -15.71
CA GLN A 197 1.04 18.39 -15.03
C GLN A 197 0.81 17.73 -13.67
N ASN A 198 0.74 18.55 -12.62
CA ASN A 198 0.46 18.12 -11.25
C ASN A 198 -1.02 18.41 -10.99
N ILE A 199 -1.79 17.38 -10.67
CA ILE A 199 -3.23 17.47 -10.45
C ILE A 199 -3.61 17.11 -9.02
N LEU A 200 -4.37 17.98 -8.33
CA LEU A 200 -4.85 17.65 -7.00
C LEU A 200 -6.32 17.27 -7.08
N ILE A 201 -6.68 16.06 -6.63
CA ILE A 201 -8.06 15.61 -6.58
C ILE A 201 -8.55 15.80 -5.16
N PHE A 202 -9.60 16.62 -4.97
CA PHE A 202 -10.15 16.91 -3.66
C PHE A 202 -11.52 16.22 -3.67
N ASP A 203 -11.62 15.08 -2.98
CA ASP A 203 -12.82 14.26 -3.01
C ASP A 203 -13.47 14.17 -1.63
N LEU A 204 -14.59 14.87 -1.44
CA LEU A 204 -15.28 14.90 -0.18
C LEU A 204 -16.70 14.39 -0.42
N GLY A 205 -16.94 13.16 -0.04
CA GLY A 205 -18.22 12.52 -0.25
C GLY A 205 -19.12 12.52 0.95
N GLY A 206 -19.89 11.44 1.10
CA GLY A 206 -20.80 11.31 2.23
C GLY A 206 -20.14 10.83 3.48
N GLY A 207 -19.17 9.93 3.34
CA GLY A 207 -18.51 9.38 4.51
C GLY A 207 -17.02 9.58 4.55
N THR A 208 -16.36 9.83 3.42
CA THR A 208 -14.90 9.92 3.39
C THR A 208 -14.36 11.17 2.70
N PHE A 209 -13.12 11.49 3.00
CA PHE A 209 -12.44 12.60 2.44
C PHE A 209 -11.11 12.07 1.94
N ASP A 210 -10.85 12.21 0.65
CA ASP A 210 -9.61 11.76 0.04
C ASP A 210 -9.00 12.85 -0.78
N VAL A 211 -7.74 13.13 -0.53
CA VAL A 211 -6.98 14.09 -1.34
C VAL A 211 -5.85 13.28 -2.00
N SER A 212 -5.72 13.41 -3.31
CA SER A 212 -4.70 12.68 -4.05
C SER A 212 -3.98 13.61 -4.97
N LEU A 213 -2.66 13.54 -4.99
CA LEU A 213 -1.85 14.35 -5.87
C LEU A 213 -1.31 13.46 -6.96
N LEU A 214 -1.70 13.73 -8.19
CA LEU A 214 -1.30 12.96 -9.36
C LEU A 214 -0.33 13.75 -10.22
N THR A 215 0.47 13.04 -11.01
CA THR A 215 1.32 13.63 -12.00
C THR A 215 0.96 12.98 -13.33
N LEU A 216 0.88 13.78 -14.38
CA LEU A 216 0.52 13.29 -15.69
C LEU A 216 1.61 13.67 -16.64
N GLU A 217 2.46 12.72 -17.04
CA GLU A 217 3.44 13.01 -18.09
C GLU A 217 3.25 12.02 -19.24
N ASP A 218 2.81 12.55 -20.41
CA ASP A 218 2.60 11.79 -21.66
C ASP A 218 1.46 10.75 -21.56
N GLY A 219 0.28 11.21 -21.15
CA GLY A 219 -0.92 10.40 -21.01
C GLY A 219 -0.89 9.37 -19.90
N ILE A 220 0.18 9.39 -19.09
CA ILE A 220 0.38 8.44 -18.00
C ILE A 220 0.17 9.10 -16.62
N PHE A 221 -0.82 8.65 -15.88
CA PHE A 221 -1.07 9.17 -14.53
C PHE A 221 -0.37 8.38 -13.46
N GLU A 222 0.24 9.05 -12.51
CA GLU A 222 0.85 8.41 -11.36
C GLU A 222 0.35 9.11 -10.11
N VAL A 223 -0.08 8.34 -9.10
CA VAL A 223 -0.48 8.82 -7.79
C VAL A 223 0.80 9.06 -6.97
N LYS A 224 1.20 10.31 -6.79
CA LYS A 224 2.40 10.69 -6.02
C LYS A 224 2.19 10.68 -4.51
N ALA A 225 1.03 11.13 -4.04
CA ALA A 225 0.76 11.18 -2.61
C ALA A 225 -0.74 11.16 -2.35
N THR A 226 -1.17 10.52 -1.28
CA THR A 226 -2.57 10.49 -0.90
C THR A 226 -2.67 10.78 0.59
N SER A 227 -3.76 11.38 1.01
CA SER A 227 -4.05 11.65 2.41
C SER A 227 -5.55 11.93 2.51
N GLY A 228 -6.06 12.14 3.71
CA GLY A 228 -7.47 12.46 3.89
C GLY A 228 -7.93 12.07 5.27
N ASP A 229 -9.18 11.67 5.36
CA ASP A 229 -9.80 11.25 6.59
C ASP A 229 -10.94 10.32 6.20
N THR A 230 -10.81 9.02 6.51
CA THR A 230 -11.81 8.00 6.20
C THR A 230 -13.14 8.22 6.94
N HIS A 231 -13.18 9.19 7.90
CA HIS A 231 -14.38 9.50 8.65
C HIS A 231 -14.76 10.98 8.66
N LEU A 232 -14.62 11.63 7.48
CA LEU A 232 -15.02 13.02 7.34
C LEU A 232 -15.75 13.09 6.04
N GLY A 233 -16.99 13.52 6.09
CA GLY A 233 -17.82 13.63 4.91
C GLY A 233 -19.10 14.38 5.20
N GLY A 234 -20.02 14.39 4.25
CA GLY A 234 -21.31 15.04 4.42
C GLY A 234 -22.08 14.56 5.63
N GLU A 235 -21.96 13.26 5.99
CA GLU A 235 -22.70 12.73 7.15
C GLU A 235 -22.27 13.42 8.46
N ASP A 236 -21.00 13.87 8.54
CA ASP A 236 -20.49 14.56 9.70
C ASP A 236 -21.05 16.01 9.79
N PHE A 237 -21.32 16.65 8.64
CA PHE A 237 -21.92 17.97 8.59
C PHE A 237 -23.39 17.85 8.95
N ASP A 238 -24.08 16.77 8.53
CA ASP A 238 -25.48 16.50 8.94
C ASP A 238 -25.52 16.32 10.44
N ASN A 239 -24.54 15.61 11.03
CA ASN A 239 -24.46 15.38 12.48
C ASN A 239 -24.30 16.68 13.23
N LYS A 240 -23.60 17.67 12.65
CA LYS A 240 -23.48 18.99 13.30
C LYS A 240 -24.85 19.67 13.38
N LEU A 241 -25.69 19.49 12.35
CA LEU A 241 -27.03 20.05 12.34
C LEU A 241 -27.91 19.29 13.31
N VAL A 242 -27.78 17.95 13.35
CA VAL A 242 -28.55 17.10 14.28
C VAL A 242 -28.26 17.50 15.72
N ASN A 243 -26.95 17.56 16.13
CA ASN A 243 -26.55 17.97 17.47
C ASN A 243 -27.10 19.36 17.84
N PHE A 244 -27.11 20.30 16.91
CA PHE A 244 -27.66 21.64 17.15
C PHE A 244 -29.18 21.56 17.41
N CYS A 245 -29.91 20.84 16.55
CA CYS A 245 -31.37 20.70 16.65
C CYS A 245 -31.79 19.99 17.90
N VAL A 246 -31.00 18.99 18.36
CA VAL A 246 -31.26 18.24 19.59
C VAL A 246 -31.21 19.22 20.77
N GLN A 247 -30.20 20.12 20.77
CA GLN A 247 -30.04 21.12 21.82
C GLN A 247 -31.10 22.23 21.73
N ASP A 248 -31.51 22.58 20.51
CA ASP A 248 -32.53 23.58 20.26
C ASP A 248 -33.91 23.07 20.73
N PHE A 249 -34.18 21.77 20.51
CA PHE A 249 -35.43 21.14 20.95
C PHE A 249 -35.49 21.18 22.47
N LYS A 250 -34.36 20.91 23.16
CA LYS A 250 -34.24 20.97 24.62
C LYS A 250 -34.63 22.34 25.14
N LYS A 251 -34.06 23.42 24.56
CA LYS A 251 -34.34 24.80 24.96
C LYS A 251 -35.79 25.21 24.72
N LYS A 252 -36.45 24.60 23.72
CA LYS A 252 -37.84 24.93 23.37
C LYS A 252 -38.88 24.13 24.15
N ASN A 253 -38.52 22.89 24.53
CA ASN A 253 -39.45 21.95 25.14
C ASN A 253 -39.00 21.39 26.49
N GLY A 254 -38.67 22.31 27.41
CA GLY A 254 -38.30 22.02 28.79
C GLY A 254 -37.34 20.88 29.06
N GLY A 255 -36.24 20.85 28.30
CA GLY A 255 -35.17 19.87 28.47
C GLY A 255 -35.39 18.48 27.90
N LYS A 256 -36.46 18.30 27.10
CA LYS A 256 -36.76 16.99 26.49
C LYS A 256 -35.64 16.59 25.51
N ASP A 257 -35.14 15.35 25.64
CA ASP A 257 -34.00 14.86 24.87
C ASP A 257 -34.38 13.90 23.74
N VAL A 258 -34.38 14.43 22.50
CA VAL A 258 -34.68 13.68 21.27
C VAL A 258 -33.70 12.53 21.06
N SER A 259 -32.43 12.70 21.49
CA SER A 259 -31.38 11.72 21.29
C SER A 259 -31.61 10.39 22.01
N LYS A 260 -32.52 10.35 22.96
CA LYS A 260 -32.85 9.09 23.64
C LYS A 260 -33.75 8.17 22.77
N ASN A 261 -34.33 8.70 21.67
CA ASN A 261 -35.15 7.93 20.74
C ASN A 261 -34.40 7.87 19.41
N SER A 262 -33.95 6.68 19.00
CA SER A 262 -33.17 6.51 17.78
C SER A 262 -33.99 6.78 16.50
N LYS A 263 -35.30 6.51 16.55
CA LYS A 263 -36.16 6.78 15.40
C LYS A 263 -36.30 8.31 15.22
N SER A 264 -36.41 9.07 16.34
CA SER A 264 -36.50 10.52 16.29
C SER A 264 -35.21 11.11 15.71
N LEU A 265 -34.05 10.56 16.09
CA LEU A 265 -32.78 11.03 15.56
C LEU A 265 -32.68 10.81 14.07
N ARG A 266 -33.07 9.61 13.58
CA ARG A 266 -32.98 9.26 12.14
C ARG A 266 -33.85 10.20 11.31
N ARG A 267 -35.08 10.46 11.77
CA ARG A 267 -36.00 11.34 11.06
C ARG A 267 -35.45 12.78 11.03
N LEU A 268 -34.81 13.22 12.13
CA LEU A 268 -34.22 14.54 12.22
C LEU A 268 -33.01 14.63 11.28
N ARG A 269 -32.19 13.57 11.24
CA ARG A 269 -31.01 13.49 10.38
C ARG A 269 -31.39 13.60 8.90
N THR A 270 -32.48 12.94 8.49
CA THR A 270 -32.98 13.01 7.12
C THR A 270 -33.29 14.46 6.72
N GLN A 271 -33.97 15.19 7.59
CA GLN A 271 -34.31 16.60 7.37
C GLN A 271 -33.12 17.55 7.47
N CYS A 272 -32.12 17.19 8.29
CA CYS A 272 -30.90 17.99 8.41
C CYS A 272 -30.10 17.90 7.15
N GLU A 273 -29.99 16.70 6.57
CA GLU A 273 -29.28 16.54 5.32
C GLU A 273 -29.96 17.32 4.18
N LYS A 274 -31.32 17.36 4.13
CA LYS A 274 -32.05 18.08 3.07
C LYS A 274 -31.79 19.57 3.19
N ALA A 275 -31.83 20.12 4.42
CA ALA A 275 -31.56 21.53 4.68
C ALA A 275 -30.13 21.89 4.27
N LYS A 276 -29.15 21.04 4.58
CA LYS A 276 -27.75 21.24 4.20
C LYS A 276 -27.62 21.40 2.68
N ARG A 277 -28.27 20.52 1.90
CA ARG A 277 -28.23 20.63 0.44
C ARG A 277 -28.83 21.95 -0.04
N VAL A 278 -29.97 22.39 0.53
CA VAL A 278 -30.62 23.65 0.19
C VAL A 278 -29.67 24.82 0.44
N LEU A 279 -28.92 24.77 1.58
CA LEU A 279 -27.93 25.78 1.97
C LEU A 279 -26.76 25.94 1.00
N SER A 280 -26.57 25.00 0.04
CA SER A 280 -25.52 25.13 -0.98
C SER A 280 -25.95 26.10 -2.09
N SER A 281 -27.27 26.38 -2.22
CA SER A 281 -27.75 27.32 -3.24
C SER A 281 -28.70 28.39 -2.69
N SER A 282 -29.04 28.35 -1.40
CA SER A 282 -29.86 29.37 -0.75
C SER A 282 -29.17 29.88 0.52
N ALA A 283 -29.56 31.07 1.00
CA ALA A 283 -28.98 31.63 2.21
C ALA A 283 -29.60 31.08 3.49
N GLN A 284 -30.76 30.40 3.40
CA GLN A 284 -31.53 29.88 4.52
C GLN A 284 -32.24 28.59 4.13
N ALA A 285 -32.60 27.80 5.13
CA ALA A 285 -33.34 26.57 4.94
C ALA A 285 -34.13 26.28 6.22
N THR A 286 -35.21 25.52 6.11
CA THR A 286 -36.01 25.15 7.25
C THR A 286 -35.86 23.65 7.56
N ILE A 287 -35.66 23.31 8.81
CA ILE A 287 -35.61 21.92 9.27
C ILE A 287 -36.94 21.74 9.99
N GLU A 288 -37.77 20.83 9.48
CA GLU A 288 -39.08 20.60 10.04
C GLU A 288 -39.35 19.10 10.17
N VAL A 289 -39.74 18.66 11.38
CA VAL A 289 -40.11 17.27 11.63
C VAL A 289 -41.39 17.30 12.43
N ASP A 290 -42.50 16.90 11.79
CA ASP A 290 -43.77 16.85 12.47
C ASP A 290 -43.75 15.65 13.41
N SER A 291 -44.25 15.83 14.67
CA SER A 291 -44.30 14.82 15.71
C SER A 291 -42.96 14.09 15.85
N LEU A 292 -41.91 14.86 16.15
CA LEU A 292 -40.55 14.39 16.25
C LEU A 292 -40.34 13.46 17.44
N PHE A 293 -40.69 13.95 18.64
CA PHE A 293 -40.49 13.26 19.90
C PHE A 293 -41.64 13.67 20.83
N ASP A 294 -42.26 12.69 21.50
CA ASP A 294 -43.39 12.94 22.41
C ASP A 294 -44.54 13.67 21.72
N GLY A 295 -44.74 13.39 20.42
CA GLY A 295 -45.78 14.03 19.61
C GLY A 295 -45.60 15.52 19.41
N ILE A 296 -44.40 16.05 19.74
CA ILE A 296 -44.11 17.48 19.58
C ILE A 296 -43.53 17.75 18.20
N ASP A 297 -44.10 18.75 17.51
CA ASP A 297 -43.60 19.17 16.20
C ASP A 297 -42.33 19.99 16.40
N TYR A 298 -41.37 19.83 15.48
CA TYR A 298 -40.14 20.59 15.53
C TYR A 298 -39.96 21.40 14.26
N ASN A 299 -39.54 22.65 14.42
CA ASN A 299 -39.30 23.57 13.32
C ASN A 299 -38.17 24.52 13.71
N VAL A 300 -37.21 24.75 12.79
CA VAL A 300 -36.12 25.70 12.99
C VAL A 300 -35.64 26.24 11.66
N ASN A 301 -35.19 27.50 11.63
CA ASN A 301 -34.64 28.08 10.40
C ASN A 301 -33.13 28.15 10.56
N ILE A 302 -32.39 27.61 9.60
CA ILE A 302 -30.92 27.62 9.64
C ILE A 302 -30.39 28.47 8.52
N THR A 303 -29.59 29.47 8.83
CA THR A 303 -28.95 30.30 7.81
C THR A 303 -27.67 29.59 7.37
N ARG A 304 -27.17 29.90 6.16
CA ARG A 304 -25.91 29.36 5.65
C ARG A 304 -24.77 29.73 6.60
N ALA A 305 -24.82 30.95 7.19
CA ALA A 305 -23.83 31.42 8.16
C ALA A 305 -23.78 30.52 9.40
N LYS A 306 -24.94 30.12 9.93
CA LYS A 306 -25.00 29.26 11.12
C LYS A 306 -24.44 27.86 10.81
N PHE A 307 -24.76 27.32 9.63
CA PHE A 307 -24.26 26.02 9.17
C PHE A 307 -22.73 26.09 9.04
N GLU A 308 -22.22 27.17 8.44
CA GLU A 308 -20.80 27.43 8.28
C GLU A 308 -20.10 27.52 9.66
N GLU A 309 -20.78 28.09 10.66
CA GLU A 309 -20.25 28.24 12.00
C GLU A 309 -20.17 26.88 12.69
N LEU A 310 -21.24 26.07 12.64
CA LEU A 310 -21.24 24.75 13.25
C LEU A 310 -20.17 23.85 12.65
N CYS A 311 -19.87 24.02 11.34
CA CYS A 311 -18.92 23.17 10.60
C CYS A 311 -17.55 23.80 10.36
N MET A 312 -17.33 25.02 10.87
CA MET A 312 -16.15 25.85 10.68
C MET A 312 -14.83 25.11 10.77
N ASP A 313 -14.63 24.34 11.85
CA ASP A 313 -13.41 23.58 12.09
C ASP A 313 -13.28 22.45 11.09
N GLN A 314 -14.35 21.72 10.84
CA GLN A 314 -14.32 20.61 9.91
C GLN A 314 -14.04 21.06 8.48
N PHE A 315 -14.57 22.20 8.08
CA PHE A 315 -14.37 22.74 6.74
C PHE A 315 -12.92 23.17 6.56
N ARG A 316 -12.39 23.93 7.53
CA ARG A 316 -11.03 24.43 7.53
C ARG A 316 -10.04 23.27 7.57
N ASN A 317 -10.33 22.21 8.34
CA ASN A 317 -9.45 21.05 8.47
C ASN A 317 -9.31 20.23 7.20
N THR A 318 -10.17 20.46 6.20
CA THR A 318 -10.01 19.78 4.92
C THR A 318 -8.72 20.21 4.23
N LEU A 319 -8.17 21.39 4.59
CA LEU A 319 -6.91 21.85 4.01
C LEU A 319 -5.71 21.10 4.57
N ILE A 320 -5.81 20.50 5.76
CA ILE A 320 -4.69 19.79 6.37
C ILE A 320 -4.19 18.62 5.49
N PRO A 321 -5.06 17.70 5.01
CA PRO A 321 -4.57 16.66 4.08
C PRO A 321 -4.07 17.22 2.74
N VAL A 322 -4.51 18.44 2.34
CA VAL A 322 -4.01 19.07 1.13
C VAL A 322 -2.53 19.45 1.35
N GLU A 323 -2.26 20.10 2.49
CA GLU A 323 -0.90 20.49 2.86
C GLU A 323 -0.02 19.25 3.02
N LYS A 324 -0.56 18.17 3.60
CA LYS A 324 0.15 16.91 3.78
C LYS A 324 0.58 16.27 2.46
N VAL A 325 -0.32 16.15 1.44
CA VAL A 325 0.07 15.54 0.16
C VAL A 325 1.13 16.37 -0.55
N LEU A 326 1.04 17.71 -0.45
CA LEU A 326 2.00 18.58 -1.09
C LEU A 326 3.36 18.40 -0.44
N LYS A 327 3.40 18.34 0.90
CA LYS A 327 4.61 18.09 1.68
C LYS A 327 5.21 16.71 1.31
N ASP A 328 4.41 15.63 1.31
CA ASP A 328 4.88 14.29 0.95
C ASP A 328 5.44 14.25 -0.44
N ALA A 329 4.77 14.91 -1.40
CA ALA A 329 5.25 14.95 -2.78
C ALA A 329 6.39 15.94 -3.01
N LYS A 330 6.80 16.67 -1.95
CA LYS A 330 7.85 17.67 -2.01
C LYS A 330 7.55 18.73 -3.08
N MET A 331 6.33 19.30 -3.04
CA MET A 331 5.98 20.34 -3.99
C MET A 331 5.18 21.45 -3.34
N ASP A 332 5.29 22.63 -3.92
CA ASP A 332 4.63 23.84 -3.49
C ASP A 332 3.21 23.88 -4.07
N LYS A 333 2.27 24.54 -3.38
CA LYS A 333 0.89 24.65 -3.87
C LYS A 333 0.80 25.38 -5.22
N SER A 334 1.78 26.25 -5.51
CA SER A 334 1.88 26.97 -6.78
C SER A 334 2.14 26.03 -7.96
N GLN A 335 2.69 24.82 -7.70
CA GLN A 335 2.99 23.85 -8.73
C GLN A 335 1.79 23.00 -9.15
N VAL A 336 0.63 23.15 -8.49
CA VAL A 336 -0.56 22.40 -8.85
C VAL A 336 -1.23 23.10 -10.06
N HIS A 337 -1.32 22.37 -11.19
CA HIS A 337 -1.92 22.87 -12.42
C HIS A 337 -3.44 22.84 -12.41
N GLU A 338 -4.05 21.81 -11.82
CA GLU A 338 -5.51 21.71 -11.75
C GLU A 338 -5.93 21.14 -10.41
N ILE A 339 -6.99 21.68 -9.81
CA ILE A 339 -7.61 21.18 -8.58
C ILE A 339 -9.00 20.66 -9.01
N VAL A 340 -9.25 19.37 -8.92
CA VAL A 340 -10.52 18.78 -9.32
C VAL A 340 -11.43 18.50 -8.10
N LEU A 341 -12.63 19.07 -8.09
CA LEU A 341 -13.59 18.85 -7.04
C LEU A 341 -14.43 17.62 -7.34
N VAL A 342 -14.34 16.59 -6.48
CA VAL A 342 -15.08 15.33 -6.58
C VAL A 342 -15.86 15.14 -5.27
N GLY A 343 -16.99 14.46 -5.32
CA GLY A 343 -17.79 14.14 -4.14
C GLY A 343 -18.88 15.16 -3.94
N GLY A 344 -20.05 14.70 -3.50
CA GLY A 344 -21.20 15.58 -3.35
C GLY A 344 -21.02 16.74 -2.39
N SER A 345 -20.16 16.58 -1.37
CA SER A 345 -19.93 17.65 -0.40
C SER A 345 -19.16 18.84 -0.97
N THR A 346 -18.46 18.66 -2.11
CA THR A 346 -17.76 19.79 -2.73
C THR A 346 -18.73 20.83 -3.33
N ARG A 347 -20.06 20.58 -3.26
CA ARG A 347 -21.04 21.57 -3.67
C ARG A 347 -21.17 22.69 -2.62
N ILE A 348 -20.69 22.47 -1.39
CA ILE A 348 -20.79 23.44 -0.29
C ILE A 348 -19.95 24.66 -0.64
N PRO A 349 -20.57 25.84 -0.81
CA PRO A 349 -19.81 27.02 -1.21
C PRO A 349 -18.59 27.33 -0.35
N LYS A 350 -18.69 27.17 0.98
CA LYS A 350 -17.59 27.48 1.89
C LYS A 350 -16.36 26.61 1.61
N ILE A 351 -16.57 25.34 1.28
CA ILE A 351 -15.48 24.45 0.95
C ILE A 351 -14.82 24.89 -0.35
N GLN A 352 -15.62 25.29 -1.35
CA GLN A 352 -15.06 25.77 -2.62
C GLN A 352 -14.24 27.04 -2.39
N GLN A 353 -14.71 27.95 -1.55
CA GLN A 353 -14.03 29.19 -1.22
C GLN A 353 -12.71 28.92 -0.49
N LEU A 354 -12.73 28.02 0.52
CA LEU A 354 -11.51 27.67 1.27
C LEU A 354 -10.41 27.09 0.35
N ILE A 355 -10.78 26.19 -0.57
CA ILE A 355 -9.83 25.59 -1.52
C ILE A 355 -9.27 26.65 -2.48
N LYS A 356 -10.15 27.53 -3.01
CA LYS A 356 -9.76 28.61 -3.93
C LYS A 356 -8.77 29.54 -3.24
N ASP A 357 -9.07 29.96 -2.00
CA ASP A 357 -8.19 30.83 -1.22
C ASP A 357 -6.86 30.15 -0.92
N PHE A 358 -6.88 28.85 -0.55
CA PHE A 358 -5.66 28.11 -0.28
C PHE A 358 -4.73 28.10 -1.51
N PHE A 359 -5.33 27.90 -2.70
CA PHE A 359 -4.59 27.88 -3.95
C PHE A 359 -4.45 29.28 -4.60
N ASN A 360 -4.45 30.32 -3.77
CA ASN A 360 -4.23 31.68 -4.21
C ASN A 360 -5.15 32.13 -5.36
N GLY A 361 -6.43 31.84 -5.25
CA GLY A 361 -7.41 32.31 -6.21
C GLY A 361 -7.63 31.45 -7.43
N LYS A 362 -6.92 30.34 -7.53
CA LYS A 362 -7.07 29.44 -8.66
C LYS A 362 -8.45 28.81 -8.65
N GLU A 363 -9.15 28.84 -9.80
CA GLU A 363 -10.47 28.23 -9.90
C GLU A 363 -10.36 26.71 -10.01
N PRO A 364 -11.05 25.97 -9.13
CA PRO A 364 -11.03 24.50 -9.25
C PRO A 364 -11.89 24.01 -10.41
N CSX A 365 -11.58 22.83 -10.94
CA CSX A 365 -12.34 22.23 -12.01
CA CSX A 365 -12.33 22.22 -12.01
CB CSX A 365 -11.50 21.32 -12.93
CB CSX A 365 -11.52 21.07 -12.57
SG CSX A 365 -10.32 22.19 -14.04
SG CSX A 365 -10.09 21.62 -13.50
C CSX A 365 -13.56 21.56 -11.37
O CSX A 365 -13.42 20.63 -10.56
OD CSX A 365 -10.72 22.38 -15.40
OD CSX A 365 -9.56 20.47 -14.13
N LYS A 366 -14.75 22.07 -11.70
CA LYS A 366 -16.01 21.56 -11.14
C LYS A 366 -17.13 21.55 -12.20
N ALA A 367 -16.81 21.56 -13.49
CA ALA A 367 -17.81 21.55 -14.55
C ALA A 367 -18.62 20.26 -14.57
N ILE A 368 -17.99 19.13 -14.24
CA ILE A 368 -18.71 17.86 -14.18
C ILE A 368 -19.31 17.75 -12.76
N ASN A 369 -20.62 17.39 -12.63
CA ASN A 369 -21.30 17.15 -11.32
C ASN A 369 -20.38 16.32 -10.46
N PRO A 370 -19.93 16.87 -9.31
CA PRO A 370 -18.81 16.21 -8.57
C PRO A 370 -19.06 14.77 -8.14
N ASP A 371 -20.32 14.43 -7.91
CA ASP A 371 -20.69 13.07 -7.55
C ASP A 371 -20.80 12.13 -8.78
N GLU A 372 -20.51 12.64 -10.00
CA GLU A 372 -20.52 11.91 -11.26
C GLU A 372 -19.14 11.81 -11.91
N ALA A 373 -18.18 12.64 -11.51
CA ALA A 373 -16.89 12.67 -12.18
C ALA A 373 -16.14 11.34 -12.21
N VAL A 374 -16.22 10.53 -11.15
CA VAL A 374 -15.55 9.24 -11.11
C VAL A 374 -16.16 8.24 -12.08
N ALA A 375 -17.49 8.15 -12.11
CA ALA A 375 -18.18 7.28 -13.07
C ALA A 375 -17.91 7.77 -14.50
N TYR A 376 -17.86 9.08 -14.72
CA TYR A 376 -17.63 9.71 -16.00
C TYR A 376 -16.25 9.25 -16.52
N GLY A 377 -15.21 9.32 -15.71
CA GLY A 377 -13.87 8.85 -16.06
C GLY A 377 -13.79 7.35 -16.25
N ALA A 378 -14.50 6.57 -15.41
CA ALA A 378 -14.52 5.11 -15.56
C ALA A 378 -15.18 4.74 -16.88
N ALA A 379 -16.23 5.48 -17.30
CA ALA A 379 -16.92 5.24 -18.56
C ALA A 379 -15.99 5.50 -19.73
N VAL A 380 -15.18 6.56 -19.65
CA VAL A 380 -14.21 6.90 -20.68
C VAL A 380 -13.18 5.77 -20.80
N GLN A 381 -12.63 5.33 -19.66
CA GLN A 381 -11.66 4.24 -19.63
C GLN A 381 -12.26 2.93 -20.15
N ALA A 382 -13.53 2.65 -19.84
CA ALA A 382 -14.21 1.45 -20.34
C ALA A 382 -14.34 1.47 -21.86
N ALA A 383 -14.61 2.63 -22.43
CA ALA A 383 -14.73 2.79 -23.88
C ALA A 383 -13.37 2.59 -24.55
N ILE A 384 -12.31 3.20 -24.00
CA ILE A 384 -10.94 3.01 -24.51
C ILE A 384 -10.55 1.53 -24.46
N LEU A 385 -10.75 0.86 -23.32
CA LEU A 385 -10.43 -0.58 -23.20
C LEU A 385 -11.31 -1.49 -24.07
N SER A 386 -12.39 -0.97 -24.62
CA SER A 386 -13.24 -1.72 -25.55
C SER A 386 -12.85 -1.48 -27.03
N GLY A 387 -11.84 -0.63 -27.28
CA GLY A 387 -11.40 -0.32 -28.63
C GLY A 387 -12.02 0.94 -29.25
N ASP A 388 -12.78 1.71 -28.47
CA ASP A 388 -13.39 2.94 -28.95
C ASP A 388 -12.49 4.15 -28.65
N GLN A 389 -11.88 4.73 -29.68
CA GLN A 389 -10.97 5.87 -29.51
C GLN A 389 -11.65 7.25 -29.73
N SER A 390 -12.99 7.31 -29.74
CA SER A 390 -13.74 8.54 -30.01
C SER A 390 -13.59 9.65 -28.97
N SER A 391 -13.31 9.32 -27.70
CA SER A 391 -13.15 10.32 -26.63
C SER A 391 -11.78 11.07 -26.74
N ALA A 392 -10.83 10.55 -27.56
CA ALA A 392 -9.49 11.10 -27.77
C ALA A 392 -9.45 12.16 -28.90
N GLU B 7 -2.08 -18.77 -13.10
CA GLU B 7 -2.46 -17.39 -13.43
C GLU B 7 -1.82 -16.34 -12.51
N VAL B 8 -1.91 -16.49 -11.16
CA VAL B 8 -1.27 -15.50 -10.27
C VAL B 8 0.19 -15.87 -10.13
N ALA B 9 1.08 -14.97 -10.55
CA ALA B 9 2.51 -15.19 -10.47
C ALA B 9 3.08 -14.28 -9.39
N ILE B 10 4.16 -14.73 -8.76
CA ILE B 10 4.79 -13.97 -7.70
C ILE B 10 6.19 -13.54 -8.09
N GLY B 11 6.65 -12.49 -7.44
CA GLY B 11 8.02 -12.02 -7.59
C GLY B 11 8.72 -12.28 -6.28
N ILE B 12 9.92 -12.88 -6.34
CA ILE B 12 10.67 -13.19 -5.15
C ILE B 12 12.05 -12.58 -5.20
N ASP B 13 12.36 -11.76 -4.21
CA ASP B 13 13.70 -11.28 -3.97
C ASP B 13 14.32 -12.31 -3.03
N LEU B 14 15.23 -13.16 -3.53
CA LEU B 14 15.93 -14.18 -2.74
C LEU B 14 17.22 -13.51 -2.27
N GLY B 15 17.15 -12.84 -1.12
CA GLY B 15 18.26 -12.06 -0.59
C GLY B 15 19.27 -12.84 0.20
N THR B 16 20.45 -12.25 0.41
CA THR B 16 21.50 -12.90 1.18
C THR B 16 21.05 -13.13 2.62
N THR B 17 20.47 -12.09 3.24
CA THR B 17 20.05 -12.18 4.64
C THR B 17 18.54 -12.25 4.77
N TYR B 18 17.77 -11.55 3.92
CA TYR B 18 16.28 -11.52 3.91
C TYR B 18 15.71 -11.75 2.54
N SER B 19 14.56 -12.42 2.48
CA SER B 19 13.84 -12.64 1.23
C SER B 19 12.45 -11.96 1.32
N CYS B 20 11.85 -11.67 0.17
CA CYS B 20 10.62 -10.92 0.14
C CYS B 20 9.80 -11.40 -1.06
N VAL B 21 8.49 -11.55 -0.86
CA VAL B 21 7.61 -12.00 -1.93
C VAL B 21 6.48 -10.98 -2.19
N GLY B 22 6.21 -10.74 -3.46
CA GLY B 22 5.18 -9.81 -3.84
C GLY B 22 4.29 -10.33 -4.95
N ILE B 23 3.11 -9.72 -5.11
CA ILE B 23 2.19 -10.02 -6.19
C ILE B 23 1.71 -8.69 -6.78
N CYS B 24 1.56 -8.66 -8.10
CA CYS B 24 1.09 -7.48 -8.79
C CYS B 24 -0.24 -7.86 -9.43
N ARG B 25 -1.26 -7.02 -9.23
CA ARG B 25 -2.60 -7.38 -9.65
C ARG B 25 -3.49 -6.16 -9.49
N ASN B 26 -4.33 -5.88 -10.49
CA ASN B 26 -5.26 -4.76 -10.43
C ASN B 26 -4.57 -3.41 -10.25
N GLY B 27 -3.38 -3.28 -10.84
CA GLY B 27 -2.60 -2.04 -10.78
C GLY B 27 -1.96 -1.78 -9.42
N VAL B 28 -1.89 -2.81 -8.57
CA VAL B 28 -1.28 -2.64 -7.26
C VAL B 28 -0.32 -3.77 -6.95
N VAL B 29 0.80 -3.45 -6.31
CA VAL B 29 1.74 -4.48 -5.87
C VAL B 29 1.56 -4.67 -4.38
N ASP B 30 1.28 -5.89 -3.96
CA ASP B 30 1.19 -6.22 -2.58
C ASP B 30 2.46 -7.01 -2.18
N ILE B 31 3.16 -6.52 -1.16
CA ILE B 31 4.28 -7.26 -0.58
C ILE B 31 3.64 -8.08 0.55
N ILE B 32 3.75 -9.40 0.48
CA ILE B 32 3.01 -10.28 1.38
C ILE B 32 3.75 -10.58 2.69
N ALA B 33 3.07 -10.28 3.81
CA ALA B 33 3.57 -10.53 5.16
C ALA B 33 3.54 -12.04 5.45
N ASN B 34 4.54 -12.53 6.20
CA ASN B 34 4.61 -13.94 6.59
C ASN B 34 3.74 -14.20 7.86
N ASP B 35 3.83 -15.42 8.45
CA ASP B 35 3.11 -15.86 9.66
C ASP B 35 3.25 -14.94 10.83
N GLN B 36 4.41 -14.30 10.98
CA GLN B 36 4.66 -13.39 12.12
C GLN B 36 4.33 -11.92 11.81
N GLY B 37 3.71 -11.65 10.64
CA GLY B 37 3.41 -10.30 10.19
C GLY B 37 4.59 -9.58 9.59
N ASN B 38 5.71 -10.29 9.30
CA ASN B 38 6.89 -9.64 8.74
C ASN B 38 6.86 -9.61 7.22
N ARG B 39 7.12 -8.44 6.61
CA ARG B 39 7.07 -8.25 5.16
C ARG B 39 8.30 -8.81 4.42
N THR B 40 9.36 -9.16 5.18
CA THR B 40 10.58 -9.81 4.74
C THR B 40 10.83 -11.00 5.70
N THR B 41 11.46 -12.05 5.20
CA THR B 41 11.71 -13.30 5.92
C THR B 41 13.16 -13.62 5.87
N PRO B 42 13.84 -13.87 7.01
CA PRO B 42 15.26 -14.21 6.96
C PRO B 42 15.54 -15.43 6.06
N SER B 43 16.61 -15.37 5.26
CA SER B 43 17.04 -16.45 4.39
C SER B 43 17.86 -17.45 5.24
N TYR B 44 17.20 -18.04 6.25
CA TYR B 44 17.79 -18.94 7.24
C TYR B 44 17.03 -20.25 7.23
N VAL B 45 17.76 -21.35 7.39
CA VAL B 45 17.22 -22.68 7.48
C VAL B 45 17.94 -23.37 8.63
N ALA B 46 17.21 -23.87 9.64
CA ALA B 46 17.81 -24.56 10.77
C ALA B 46 17.33 -25.99 10.90
N PHE B 47 18.18 -26.85 11.46
CA PHE B 47 17.85 -28.25 11.66
C PHE B 47 18.04 -28.55 13.14
N THR B 48 17.03 -29.12 13.81
CA THR B 48 17.06 -29.45 15.25
C THR B 48 16.89 -30.98 15.42
N ASP B 49 16.77 -31.47 16.68
CA ASP B 49 16.51 -32.87 16.97
C ASP B 49 15.13 -33.30 16.43
N THR B 50 14.18 -32.37 16.30
CA THR B 50 12.83 -32.69 15.87
C THR B 50 12.37 -32.06 14.56
N GLU B 51 12.84 -30.84 14.25
CA GLU B 51 12.26 -30.14 13.10
C GLU B 51 13.21 -29.33 12.22
N ARG B 52 12.72 -28.96 11.03
CA ARG B 52 13.41 -28.13 10.07
C ARG B 52 12.69 -26.78 10.10
N LEU B 53 13.38 -25.73 10.54
CA LEU B 53 12.82 -24.40 10.68
C LEU B 53 13.29 -23.51 9.52
N ILE B 54 12.42 -22.64 9.02
CA ILE B 54 12.78 -21.74 7.92
C ILE B 54 12.27 -20.34 8.23
N GLY B 55 13.11 -19.35 7.99
CA GLY B 55 12.76 -17.95 8.19
C GLY B 55 12.97 -17.47 9.59
N ASP B 56 11.95 -16.76 10.12
CA ASP B 56 12.00 -16.18 11.47
C ASP B 56 12.32 -17.20 12.53
N ALA B 57 11.66 -18.37 12.53
CA ALA B 57 11.92 -19.41 13.53
C ALA B 57 13.36 -19.90 13.47
N ALA B 58 13.94 -19.98 12.27
CA ALA B 58 15.34 -20.40 12.12
C ALA B 58 16.28 -19.31 12.64
N LYS B 59 16.07 -18.05 12.27
CA LYS B 59 16.94 -16.96 12.77
C LYS B 59 16.82 -16.80 14.29
N ASN B 60 15.62 -16.97 14.84
CA ASN B 60 15.37 -16.79 16.27
C ASN B 60 16.14 -17.78 17.15
N GLN B 61 16.41 -19.01 16.66
CA GLN B 61 17.19 -19.96 17.45
C GLN B 61 18.65 -20.09 17.00
N ALA B 62 19.13 -19.20 16.12
CA ALA B 62 20.50 -19.29 15.60
C ALA B 62 21.57 -19.32 16.67
N SER B 63 21.44 -18.47 17.70
CA SER B 63 22.45 -18.38 18.76
C SER B 63 22.51 -19.64 19.64
N ARG B 64 21.38 -20.35 19.79
CA ARG B 64 21.28 -21.59 20.57
C ARG B 64 21.65 -22.85 19.77
N ASN B 65 21.69 -22.75 18.43
CA ASN B 65 21.98 -23.89 17.56
C ASN B 65 22.85 -23.42 16.37
N PRO B 66 24.03 -22.82 16.65
CA PRO B 66 24.84 -22.24 15.57
C PRO B 66 25.34 -23.21 14.52
N GLU B 67 25.70 -24.43 14.91
CA GLU B 67 26.24 -25.40 13.97
C GLU B 67 25.23 -25.88 12.94
N ASN B 68 23.95 -25.91 13.30
CA ASN B 68 22.92 -26.45 12.44
C ASN B 68 21.95 -25.39 11.89
N THR B 69 22.33 -24.11 11.95
CA THR B 69 21.53 -23.01 11.42
C THR B 69 22.30 -22.46 10.25
N VAL B 70 21.73 -22.64 9.04
CA VAL B 70 22.36 -22.22 7.78
C VAL B 70 21.79 -20.90 7.33
N PHE B 71 22.70 -20.03 6.87
CA PHE B 71 22.42 -18.72 6.31
C PHE B 71 23.54 -18.44 5.26
N ASP B 72 23.45 -17.34 4.50
CA ASP B 72 24.46 -16.98 3.49
C ASP B 72 24.62 -18.01 2.37
N ALA B 73 23.62 -18.89 2.14
CA ALA B 73 23.70 -19.86 1.04
C ALA B 73 23.85 -19.17 -0.32
N LYS B 74 23.36 -17.92 -0.45
CA LYS B 74 23.52 -17.13 -1.67
C LYS B 74 25.00 -16.87 -2.00
N ARG B 75 25.88 -16.87 -0.98
CA ARG B 75 27.32 -16.71 -1.20
C ARG B 75 27.96 -17.99 -1.77
N LEU B 76 27.28 -19.14 -1.65
CA LEU B 76 27.77 -20.41 -2.14
C LEU B 76 27.07 -20.89 -3.40
N ILE B 77 25.85 -20.42 -3.66
CA ILE B 77 25.03 -20.95 -4.75
C ILE B 77 25.69 -20.81 -6.11
N GLY B 78 25.79 -21.92 -6.84
CA GLY B 78 26.41 -21.95 -8.15
C GLY B 78 27.92 -21.83 -8.15
N ARG B 79 28.55 -21.87 -6.97
CA ARG B 79 30.00 -21.80 -6.87
C ARG B 79 30.61 -23.16 -6.66
N LYS B 80 31.88 -23.31 -7.07
CA LYS B 80 32.69 -24.49 -6.80
C LYS B 80 33.32 -24.23 -5.43
N PHE B 81 33.39 -25.26 -4.60
CA PHE B 81 33.96 -25.16 -3.26
C PHE B 81 35.37 -24.61 -3.25
N SER B 82 36.16 -24.90 -4.32
CA SER B 82 37.54 -24.44 -4.45
C SER B 82 37.70 -22.94 -4.75
N GLU B 83 36.61 -22.24 -5.14
CA GLU B 83 36.68 -20.80 -5.43
C GLU B 83 37.23 -20.01 -4.24
N THR B 84 38.03 -18.99 -4.49
CA THR B 84 38.65 -18.22 -3.42
C THR B 84 37.61 -17.53 -2.55
N THR B 85 36.47 -17.11 -3.12
CA THR B 85 35.42 -16.49 -2.31
C THR B 85 34.86 -17.47 -1.30
N VAL B 86 34.66 -18.75 -1.68
CA VAL B 86 34.12 -19.78 -0.77
C VAL B 86 35.10 -20.08 0.38
N GLN B 87 36.37 -20.23 0.04
CA GLN B 87 37.43 -20.49 1.02
C GLN B 87 37.56 -19.36 2.05
N SER B 88 37.38 -18.13 1.59
CA SER B 88 37.47 -16.95 2.42
C SER B 88 36.19 -16.77 3.25
N ASP B 89 35.02 -16.90 2.62
CA ASP B 89 33.75 -16.70 3.29
C ASP B 89 33.48 -17.72 4.40
N MET B 90 33.88 -18.97 4.19
CA MET B 90 33.57 -20.04 5.13
C MET B 90 34.18 -19.90 6.52
N LYS B 91 35.21 -19.07 6.64
CA LYS B 91 35.84 -18.79 7.93
C LYS B 91 34.87 -18.05 8.88
N HIS B 92 33.88 -17.33 8.32
CA HIS B 92 32.91 -16.54 9.09
C HIS B 92 31.60 -17.28 9.39
N TRP B 93 31.50 -18.58 9.05
CA TRP B 93 30.27 -19.33 9.28
C TRP B 93 30.44 -20.36 10.36
N PRO B 94 29.46 -20.45 11.29
CA PRO B 94 29.56 -21.46 12.35
C PRO B 94 29.22 -22.87 11.85
N PHE B 95 28.55 -23.00 10.70
CA PHE B 95 28.20 -24.28 10.13
C PHE B 95 29.35 -24.78 9.23
N THR B 96 29.43 -26.09 9.05
CA THR B 96 30.47 -26.70 8.25
C THR B 96 30.13 -26.78 6.77
N VAL B 97 31.10 -26.45 5.91
CA VAL B 97 30.97 -26.56 4.46
C VAL B 97 32.19 -27.34 3.97
N LYS B 98 31.96 -28.41 3.21
CA LYS B 98 33.02 -29.24 2.63
C LYS B 98 32.76 -29.38 1.11
N GLY B 99 33.77 -29.84 0.37
CA GLY B 99 33.63 -30.01 -1.08
C GLY B 99 33.24 -31.41 -1.47
N GLY B 100 32.29 -31.54 -2.36
CA GLY B 100 31.83 -32.82 -2.87
C GLY B 100 32.73 -33.31 -3.97
N SER B 101 32.54 -34.56 -4.43
CA SER B 101 33.39 -35.12 -5.49
C SER B 101 33.21 -34.36 -6.82
N ASP B 102 32.02 -33.78 -7.04
CA ASP B 102 31.75 -32.94 -8.20
C ASP B 102 32.26 -31.47 -8.03
N GLY B 103 32.95 -31.18 -6.92
CA GLY B 103 33.45 -29.85 -6.61
C GLY B 103 32.41 -28.89 -6.05
N LYS B 104 31.15 -29.33 -5.88
CA LYS B 104 30.10 -28.47 -5.35
C LYS B 104 30.19 -28.42 -3.82
N PRO B 105 29.88 -27.25 -3.22
CA PRO B 105 29.86 -27.17 -1.76
C PRO B 105 28.73 -28.02 -1.18
N MET B 106 29.01 -28.63 -0.03
CA MET B 106 28.08 -29.45 0.72
C MET B 106 28.04 -28.84 2.12
N ILE B 107 26.89 -28.35 2.52
CA ILE B 107 26.70 -27.78 3.84
C ILE B 107 26.31 -28.93 4.76
N GLU B 108 27.09 -29.16 5.83
CA GLU B 108 26.88 -30.26 6.77
C GLU B 108 26.22 -29.83 8.06
N VAL B 109 25.09 -30.44 8.38
CA VAL B 109 24.32 -30.18 9.60
C VAL B 109 23.91 -31.51 10.25
N SER B 110 23.37 -31.46 11.46
CA SER B 110 22.80 -32.59 12.15
C SER B 110 21.29 -32.32 12.20
N TYR B 111 20.49 -33.28 11.75
CA TYR B 111 19.03 -33.16 11.71
C TYR B 111 18.44 -34.46 12.25
N GLN B 112 17.69 -34.37 13.37
CA GLN B 112 17.12 -35.57 14.01
C GLN B 112 18.18 -36.62 14.36
N GLY B 113 19.31 -36.16 14.91
CA GLY B 113 20.40 -37.03 15.31
C GLY B 113 21.21 -37.64 14.20
N GLU B 114 21.01 -37.18 12.96
CA GLU B 114 21.73 -37.72 11.82
C GLU B 114 22.50 -36.65 11.05
N LYS B 115 23.72 -36.98 10.58
CA LYS B 115 24.51 -36.08 9.76
C LYS B 115 23.86 -35.99 8.36
N LYS B 116 23.53 -34.77 7.92
CA LYS B 116 22.92 -34.47 6.63
C LYS B 116 23.79 -33.45 5.87
N THR B 117 23.83 -33.56 4.54
CA THR B 117 24.57 -32.63 3.71
C THR B 117 23.61 -32.04 2.65
N PHE B 118 23.78 -30.76 2.33
CA PHE B 118 22.92 -30.09 1.39
C PHE B 118 23.74 -29.24 0.46
N HIS B 119 23.33 -29.17 -0.80
CA HIS B 119 23.93 -28.25 -1.74
C HIS B 119 23.33 -26.87 -1.45
N PRO B 120 24.05 -25.80 -1.81
CA PRO B 120 23.52 -24.45 -1.58
C PRO B 120 22.15 -24.20 -2.20
N GLU B 121 21.89 -24.74 -3.40
CA GLU B 121 20.58 -24.59 -4.06
C GLU B 121 19.47 -25.33 -3.32
N GLU B 122 19.80 -26.38 -2.56
CA GLU B 122 18.81 -27.07 -1.74
C GLU B 122 18.40 -26.19 -0.57
N ILE B 123 19.36 -25.49 0.05
CA ILE B 123 19.05 -24.59 1.15
C ILE B 123 18.21 -23.41 0.60
N SER B 124 18.63 -22.85 -0.54
CA SER B 124 17.88 -21.75 -1.15
C SER B 124 16.47 -22.19 -1.60
N SER B 125 16.32 -23.47 -2.04
CA SER B 125 15.00 -23.99 -2.42
C SER B 125 14.08 -24.01 -1.19
N MET B 126 14.62 -24.24 0.01
CA MET B 126 13.81 -24.23 1.23
C MET B 126 13.31 -22.80 1.54
N VAL B 127 14.16 -21.80 1.30
CA VAL B 127 13.75 -20.41 1.50
C VAL B 127 12.68 -20.04 0.46
N LEU B 128 12.89 -20.44 -0.80
CA LEU B 128 11.96 -20.16 -1.87
C LEU B 128 10.60 -20.84 -1.62
N LYS B 129 10.60 -22.07 -1.08
CA LYS B 129 9.40 -22.82 -0.73
C LYS B 129 8.65 -22.09 0.38
N LYS B 130 9.37 -21.54 1.37
CA LYS B 130 8.74 -20.77 2.43
C LYS B 130 8.06 -19.51 1.84
N MET B 131 8.72 -18.80 0.90
CA MET B 131 8.16 -17.60 0.26
C MET B 131 6.95 -17.94 -0.58
N LYS B 132 6.99 -19.09 -1.26
CA LYS B 132 5.87 -19.60 -2.05
C LYS B 132 4.66 -19.84 -1.11
N GLU B 133 4.91 -20.48 0.05
CA GLU B 133 3.89 -20.75 1.06
C GLU B 133 3.35 -19.49 1.71
N VAL B 134 4.17 -18.47 1.90
CA VAL B 134 3.71 -17.18 2.40
C VAL B 134 2.67 -16.58 1.43
N ALA B 135 2.96 -16.62 0.11
CA ALA B 135 2.06 -16.10 -0.90
C ALA B 135 0.79 -16.95 -0.96
N GLU B 136 0.93 -18.29 -0.85
CA GLU B 136 -0.20 -19.21 -0.91
C GLU B 136 -1.14 -19.05 0.27
N THR B 137 -0.60 -18.78 1.46
CA THR B 137 -1.43 -18.57 2.65
C THR B 137 -2.30 -17.33 2.47
N TYR B 138 -1.70 -16.27 1.93
CA TYR B 138 -2.37 -15.02 1.66
C TYR B 138 -3.44 -15.19 0.57
N LEU B 139 -3.09 -15.85 -0.54
CA LEU B 139 -4.03 -16.01 -1.65
C LEU B 139 -5.11 -17.06 -1.40
N GLY B 140 -4.82 -18.02 -0.55
CA GLY B 140 -5.69 -19.16 -0.27
C GLY B 140 -5.76 -20.11 -1.45
N LYS B 141 -4.76 -20.05 -2.37
CA LYS B 141 -4.67 -20.84 -3.59
C LYS B 141 -3.20 -21.20 -3.88
N PRO B 142 -2.94 -22.30 -4.61
CA PRO B 142 -1.57 -22.62 -4.99
C PRO B 142 -0.98 -21.59 -5.96
N VAL B 143 0.35 -21.42 -5.91
CA VAL B 143 1.13 -20.52 -6.75
C VAL B 143 2.17 -21.37 -7.44
N LYS B 144 2.28 -21.29 -8.77
CA LYS B 144 3.25 -22.11 -9.50
C LYS B 144 4.31 -21.24 -10.17
N ASN B 145 3.91 -20.10 -10.72
CA ASN B 145 4.81 -19.24 -11.49
C ASN B 145 5.47 -18.16 -10.67
N ALA B 146 6.74 -17.88 -10.98
CA ALA B 146 7.52 -16.88 -10.25
C ALA B 146 8.61 -16.27 -11.07
N VAL B 147 8.94 -15.02 -10.77
CA VAL B 147 10.14 -14.38 -11.26
C VAL B 147 11.06 -14.28 -10.02
N ILE B 148 12.29 -14.77 -10.14
CA ILE B 148 13.26 -14.70 -9.06
C ILE B 148 14.39 -13.78 -9.49
N THR B 149 14.85 -12.93 -8.58
CA THR B 149 15.93 -11.99 -8.85
C THR B 149 17.27 -12.51 -8.36
N VAL B 150 18.34 -12.06 -9.00
CA VAL B 150 19.74 -12.37 -8.65
C VAL B 150 20.57 -11.09 -8.85
N PRO B 151 21.73 -10.98 -8.18
CA PRO B 151 22.61 -9.82 -8.42
C PRO B 151 23.05 -9.76 -9.89
N ALA B 152 23.25 -8.56 -10.43
CA ALA B 152 23.65 -8.40 -11.82
C ALA B 152 24.97 -9.09 -12.16
N TYR B 153 25.87 -9.23 -11.17
CA TYR B 153 27.16 -9.87 -11.40
C TYR B 153 27.10 -11.40 -11.34
N PHE B 154 25.94 -12.00 -11.02
CA PHE B 154 25.83 -13.46 -10.98
C PHE B 154 26.16 -14.06 -12.35
N ASN B 155 27.02 -15.07 -12.37
CA ASN B 155 27.42 -15.72 -13.62
C ASN B 155 26.36 -16.77 -14.02
N ASP B 156 26.55 -17.45 -15.16
CA ASP B 156 25.62 -18.45 -15.64
C ASP B 156 25.39 -19.58 -14.64
N SER B 157 26.46 -20.02 -13.97
CA SER B 157 26.36 -21.11 -12.99
C SER B 157 25.51 -20.70 -11.78
N GLN B 158 25.69 -19.47 -11.30
CA GLN B 158 24.93 -18.94 -10.15
C GLN B 158 23.45 -18.73 -10.52
N ARG B 159 23.19 -18.25 -11.76
CA ARG B 159 21.82 -18.06 -12.23
C ARG B 159 21.11 -19.39 -12.42
N GLN B 160 21.82 -20.39 -12.96
CA GLN B 160 21.24 -21.70 -13.19
C GLN B 160 20.90 -22.38 -11.89
N ALA B 161 21.81 -22.29 -10.90
CA ALA B 161 21.60 -22.90 -9.60
C ALA B 161 20.42 -22.24 -8.86
N THR B 162 20.22 -20.93 -9.05
CA THR B 162 19.08 -20.21 -8.47
C THR B 162 17.77 -20.70 -9.15
N LYS B 163 17.82 -20.91 -10.47
CA LYS B 163 16.67 -21.42 -11.21
C LYS B 163 16.33 -22.84 -10.71
N ASP B 164 17.36 -23.68 -10.52
CA ASP B 164 17.22 -25.05 -10.00
C ASP B 164 16.64 -25.02 -8.58
N ALA B 165 17.03 -24.04 -7.75
CA ALA B 165 16.47 -23.86 -6.41
C ALA B 165 14.95 -23.61 -6.52
N GLY B 166 14.54 -22.82 -7.51
CA GLY B 166 13.13 -22.55 -7.75
C GLY B 166 12.39 -23.80 -8.19
N ALA B 167 12.98 -24.61 -9.09
CA ALA B 167 12.36 -25.85 -9.56
C ALA B 167 12.20 -26.83 -8.40
N ILE B 168 13.23 -26.95 -7.54
CA ILE B 168 13.16 -27.82 -6.38
C ILE B 168 12.04 -27.38 -5.43
N ALA B 169 11.82 -26.06 -5.30
CA ALA B 169 10.75 -25.50 -4.47
C ALA B 169 9.33 -25.68 -5.07
N GLY B 170 9.23 -26.18 -6.29
CA GLY B 170 7.96 -26.37 -6.97
C GLY B 170 7.50 -25.17 -7.78
N LEU B 171 8.45 -24.30 -8.17
CA LEU B 171 8.13 -23.10 -8.90
C LEU B 171 8.52 -23.26 -10.36
N ASN B 172 7.68 -22.70 -11.23
CA ASN B 172 7.97 -22.63 -12.64
C ASN B 172 8.57 -21.25 -12.73
N VAL B 173 9.88 -21.18 -12.91
CA VAL B 173 10.59 -19.91 -12.94
C VAL B 173 10.42 -19.31 -14.29
N LEU B 174 9.54 -18.30 -14.39
CA LEU B 174 9.29 -17.63 -15.65
C LEU B 174 10.54 -16.94 -16.16
N ARG B 175 11.33 -16.37 -15.24
CA ARG B 175 12.53 -15.67 -15.59
C ARG B 175 13.35 -15.35 -14.37
N ILE B 176 14.67 -15.29 -14.55
CA ILE B 176 15.64 -14.83 -13.58
C ILE B 176 15.99 -13.42 -14.06
N ILE B 177 15.77 -12.39 -13.24
CA ILE B 177 16.09 -11.02 -13.64
C ILE B 177 17.08 -10.42 -12.63
N ASN B 178 17.78 -9.38 -13.03
CA ASN B 178 18.74 -8.71 -12.17
C ASN B 178 18.06 -7.88 -11.11
N GLU B 179 18.62 -7.88 -9.90
CA GLU B 179 18.13 -7.09 -8.77
C GLU B 179 18.05 -5.60 -9.08
N PRO B 180 19.10 -4.97 -9.64
CA PRO B 180 19.01 -3.53 -9.95
C PRO B 180 17.93 -3.22 -10.98
N THR B 181 17.77 -4.09 -11.97
CA THR B 181 16.75 -3.92 -13.00
C THR B 181 15.36 -4.06 -12.37
N ALA B 182 15.17 -5.00 -11.42
CA ALA B 182 13.90 -5.17 -10.72
C ALA B 182 13.55 -3.91 -9.94
N ALA B 183 14.55 -3.28 -9.30
CA ALA B 183 14.32 -2.05 -8.56
C ALA B 183 13.91 -0.89 -9.49
N ALA B 184 14.48 -0.84 -10.70
CA ALA B 184 14.13 0.20 -11.67
C ALA B 184 12.71 -0.02 -12.20
N ILE B 185 12.34 -1.27 -12.44
CA ILE B 185 11.01 -1.66 -12.89
C ILE B 185 9.98 -1.26 -11.80
N ALA B 186 10.33 -1.43 -10.52
CA ALA B 186 9.46 -1.08 -9.41
C ALA B 186 9.05 0.38 -9.44
N TYR B 187 9.95 1.26 -9.88
CA TYR B 187 9.64 2.68 -9.93
C TYR B 187 9.02 3.15 -11.23
N GLY B 188 8.73 2.23 -12.14
CA GLY B 188 8.12 2.54 -13.43
C GLY B 188 9.00 3.42 -14.28
N LEU B 189 10.32 3.29 -14.14
CA LEU B 189 11.28 4.11 -14.89
C LEU B 189 11.32 3.73 -16.39
N ASP B 190 10.79 2.54 -16.74
CA ASP B 190 10.63 2.08 -18.11
C ASP B 190 9.37 2.68 -18.75
N LYS B 191 8.34 3.05 -17.95
CA LYS B 191 7.11 3.61 -18.49
C LYS B 191 7.12 5.15 -18.43
N LYS B 192 8.28 5.76 -18.67
CA LYS B 192 8.41 7.22 -18.65
C LYS B 192 9.01 7.70 -19.98
N GLY B 193 8.27 8.54 -20.68
CA GLY B 193 8.67 9.04 -21.98
C GLY B 193 9.69 10.15 -21.98
N LYS B 194 10.78 9.95 -21.20
CA LYS B 194 11.87 10.91 -21.08
C LYS B 194 12.82 10.83 -22.30
N GLY B 195 13.23 9.61 -22.63
CA GLY B 195 14.15 9.27 -23.73
C GLY B 195 15.09 8.18 -23.25
N GLU B 196 16.39 8.30 -23.53
CA GLU B 196 17.38 7.34 -22.98
C GLU B 196 17.63 7.77 -21.53
N GLN B 197 17.54 6.87 -20.56
CA GLN B 197 17.70 7.24 -19.16
C GLN B 197 18.85 6.52 -18.50
N ASN B 198 19.65 7.24 -17.71
CA ASN B 198 20.74 6.67 -16.95
C ASN B 198 20.28 6.58 -15.49
N ILE B 199 20.12 5.35 -14.98
CA ILE B 199 19.61 5.12 -13.63
C ILE B 199 20.70 4.53 -12.73
N LEU B 200 20.93 5.12 -11.54
CA LEU B 200 21.87 4.56 -10.59
C LEU B 200 21.12 3.84 -9.47
N ILE B 201 21.36 2.54 -9.28
CA ILE B 201 20.76 1.76 -8.21
C ILE B 201 21.77 1.67 -7.09
N PHE B 202 21.45 2.19 -5.92
CA PHE B 202 22.32 2.16 -4.75
C PHE B 202 21.69 1.17 -3.79
N ASP B 203 22.26 -0.04 -3.70
CA ASP B 203 21.71 -1.13 -2.93
C ASP B 203 22.61 -1.51 -1.77
N LEU B 204 22.24 -1.11 -0.56
CA LEU B 204 23.03 -1.41 0.63
C LEU B 204 22.17 -2.23 1.58
N GLY B 205 22.44 -3.54 1.63
CA GLY B 205 21.71 -4.47 2.46
C GLY B 205 22.37 -4.77 3.80
N GLY B 206 22.33 -6.04 4.19
CA GLY B 206 22.87 -6.48 5.46
C GLY B 206 24.31 -6.93 5.36
N GLY B 207 24.62 -7.63 4.30
CA GLY B 207 25.97 -8.15 4.09
C GLY B 207 26.66 -7.68 2.83
N THR B 208 25.90 -7.13 1.86
CA THR B 208 26.49 -6.66 0.59
C THR B 208 26.08 -5.23 0.21
N PHE B 209 26.92 -4.59 -0.63
CA PHE B 209 26.72 -3.27 -1.17
C PHE B 209 26.91 -3.40 -2.68
N ASP B 210 25.89 -3.06 -3.45
CA ASP B 210 25.92 -3.12 -4.90
C ASP B 210 25.46 -1.82 -5.50
N VAL B 211 26.27 -1.25 -6.39
CA VAL B 211 25.91 -0.06 -7.13
C VAL B 211 25.87 -0.48 -8.59
N SER B 212 24.77 -0.17 -9.27
CA SER B 212 24.61 -0.53 -10.67
C SER B 212 24.12 0.64 -11.46
N LEU B 213 24.76 0.90 -12.61
CA LEU B 213 24.35 1.96 -13.50
C LEU B 213 23.65 1.28 -14.69
N LEU B 214 22.39 1.64 -14.91
CA LEU B 214 21.59 1.08 -15.98
C LEU B 214 21.25 2.13 -17.00
N THR B 215 20.91 1.70 -18.19
CA THR B 215 20.45 2.54 -19.28
C THR B 215 19.14 1.95 -19.81
N LEU B 216 18.19 2.82 -20.18
CA LEU B 216 16.90 2.42 -20.70
C LEU B 216 16.79 2.74 -22.18
N GLU B 217 17.20 1.80 -23.05
CA GLU B 217 17.11 2.03 -24.50
C GLU B 217 15.80 1.43 -25.01
N ASP B 218 14.78 2.30 -25.27
CA ASP B 218 13.45 1.92 -25.76
C ASP B 218 12.72 0.91 -24.86
N GLY B 219 12.57 1.24 -23.59
CA GLY B 219 11.89 0.37 -22.62
C GLY B 219 12.67 -0.86 -22.18
N ILE B 220 13.85 -1.08 -22.77
CA ILE B 220 14.70 -2.21 -22.45
C ILE B 220 15.85 -1.72 -21.59
N PHE B 221 16.10 -2.42 -20.48
CA PHE B 221 17.18 -2.06 -19.57
C PHE B 221 18.46 -2.75 -20.00
N GLU B 222 19.59 -2.08 -19.78
CA GLU B 222 20.92 -2.64 -20.02
C GLU B 222 21.80 -2.26 -18.81
N VAL B 223 22.52 -3.22 -18.24
CA VAL B 223 23.42 -2.96 -17.12
C VAL B 223 24.74 -2.52 -17.68
N LYS B 224 25.05 -1.23 -17.58
CA LYS B 224 26.27 -0.69 -18.18
C LYS B 224 27.49 -0.84 -17.30
N ALA B 225 27.33 -0.70 -15.99
CA ALA B 225 28.44 -0.85 -15.06
C ALA B 225 27.96 -1.26 -13.68
N THR B 226 28.73 -2.08 -12.99
CA THR B 226 28.42 -2.49 -11.63
C THR B 226 29.69 -2.42 -10.79
N SER B 227 29.54 -2.14 -9.52
CA SER B 227 30.64 -2.12 -8.56
C SER B 227 30.01 -2.21 -7.16
N GLY B 228 30.83 -2.22 -6.12
CA GLY B 228 30.33 -2.29 -4.76
C GLY B 228 31.33 -2.94 -3.86
N ASP B 229 30.84 -3.68 -2.88
CA ASP B 229 31.65 -4.39 -1.92
C ASP B 229 30.78 -5.52 -1.39
N THR B 230 31.15 -6.77 -1.73
CA THR B 230 30.42 -7.98 -1.29
C THR B 230 30.48 -8.19 0.23
N HIS B 231 31.27 -7.38 0.96
CA HIS B 231 31.44 -7.46 2.41
C HIS B 231 31.31 -6.09 3.08
N LEU B 232 30.28 -5.32 2.70
CA LEU B 232 29.92 -4.04 3.32
C LEU B 232 28.40 -4.00 3.38
N GLY B 233 27.88 -3.93 4.59
CA GLY B 233 26.45 -3.86 4.82
C GLY B 233 26.13 -3.43 6.23
N GLY B 234 24.84 -3.55 6.59
CA GLY B 234 24.36 -3.19 7.91
C GLY B 234 25.04 -3.89 9.06
N GLU B 235 25.47 -5.16 8.85
CA GLU B 235 26.17 -5.91 9.89
C GLU B 235 27.51 -5.28 10.29
N ASP B 236 28.15 -4.56 9.36
CA ASP B 236 29.39 -3.85 9.61
C ASP B 236 29.17 -2.60 10.49
N PHE B 237 28.00 -1.98 10.37
CA PHE B 237 27.64 -0.82 11.18
C PHE B 237 27.28 -1.31 12.61
N ASP B 238 26.66 -2.51 12.72
CA ASP B 238 26.35 -3.14 14.01
C ASP B 238 27.67 -3.40 14.74
N ASN B 239 28.69 -3.93 14.01
CA ASN B 239 30.02 -4.22 14.55
C ASN B 239 30.68 -2.99 15.14
N LYS B 240 30.43 -1.81 14.54
CA LYS B 240 30.97 -0.54 15.06
C LYS B 240 30.34 -0.20 16.41
N LEU B 241 29.03 -0.49 16.58
CA LEU B 241 28.34 -0.24 17.84
C LEU B 241 28.79 -1.26 18.89
N VAL B 242 28.98 -2.53 18.49
CA VAL B 242 29.44 -3.58 19.39
C VAL B 242 30.82 -3.22 19.95
N ASN B 243 31.80 -2.90 19.07
CA ASN B 243 33.15 -2.49 19.47
C ASN B 243 33.12 -1.30 20.43
N PHE B 244 32.23 -0.32 20.19
CA PHE B 244 32.11 0.82 21.08
C PHE B 244 31.60 0.40 22.47
N CYS B 245 30.54 -0.42 22.52
CA CYS B 245 29.94 -0.90 23.77
C CYS B 245 30.89 -1.75 24.57
N VAL B 246 31.72 -2.57 23.89
CA VAL B 246 32.73 -3.42 24.52
C VAL B 246 33.73 -2.52 25.26
N GLN B 247 34.15 -1.42 24.62
CA GLN B 247 35.08 -0.47 25.21
C GLN B 247 34.44 0.36 26.31
N ASP B 248 33.14 0.67 26.16
CA ASP B 248 32.38 1.43 27.14
C ASP B 248 32.17 0.61 28.41
N PHE B 249 31.94 -0.71 28.25
CA PHE B 249 31.77 -1.63 29.38
C PHE B 249 33.08 -1.69 30.17
N LYS B 250 34.23 -1.73 29.46
CA LYS B 250 35.57 -1.74 30.06
C LYS B 250 35.76 -0.52 30.94
N LYS B 251 35.44 0.69 30.43
CA LYS B 251 35.57 1.95 31.17
C LYS B 251 34.66 2.04 32.39
N LYS B 252 33.52 1.34 32.35
CA LYS B 252 32.55 1.37 33.45
C LYS B 252 32.80 0.30 34.51
N ASN B 253 33.35 -0.84 34.10
CA ASN B 253 33.52 -2.01 34.95
C ASN B 253 34.95 -2.54 35.07
N GLY B 254 35.86 -1.64 35.43
CA GLY B 254 37.28 -1.91 35.69
C GLY B 254 38.03 -2.81 34.72
N GLY B 255 37.86 -2.56 33.44
CA GLY B 255 38.55 -3.32 32.39
C GLY B 255 38.02 -4.67 31.98
N LYS B 256 36.83 -5.09 32.47
CA LYS B 256 36.26 -6.39 32.08
C LYS B 256 36.01 -6.46 30.57
N ASP B 257 36.40 -7.56 29.93
CA ASP B 257 36.30 -7.71 28.48
C ASP B 257 35.18 -8.64 28.00
N VAL B 258 34.07 -8.05 27.53
CA VAL B 258 32.90 -8.75 26.98
C VAL B 258 33.25 -9.58 25.75
N SER B 259 34.24 -9.12 24.95
CA SER B 259 34.68 -9.79 23.73
C SER B 259 35.14 -11.23 23.93
N LYS B 260 35.60 -11.57 25.15
CA LYS B 260 36.09 -12.91 25.41
C LYS B 260 34.96 -13.95 25.60
N ASN B 261 33.69 -13.50 25.71
CA ASN B 261 32.54 -14.38 25.83
C ASN B 261 31.70 -14.19 24.57
N SER B 262 31.61 -15.23 23.71
CA SER B 262 30.87 -15.14 22.44
C SER B 262 29.37 -14.98 22.64
N LYS B 263 28.82 -15.53 23.72
CA LYS B 263 27.40 -15.38 24.02
C LYS B 263 27.09 -13.93 24.42
N SER B 264 27.99 -13.30 25.18
CA SER B 264 27.83 -11.90 25.58
C SER B 264 27.88 -10.99 24.36
N LEU B 265 28.78 -11.28 23.41
CA LEU B 265 28.89 -10.50 22.19
C LEU B 265 27.62 -10.60 21.36
N ARG B 266 27.06 -11.82 21.17
CA ARG B 266 25.86 -12.03 20.37
C ARG B 266 24.67 -11.29 20.94
N ARG B 267 24.50 -11.34 22.27
CA ARG B 267 23.41 -10.65 22.95
C ARG B 267 23.54 -9.13 22.79
N LEU B 268 24.78 -8.63 22.85
CA LEU B 268 25.07 -7.21 22.70
C LEU B 268 24.82 -6.78 21.25
N ARG B 269 25.21 -7.62 20.28
CA ARG B 269 25.02 -7.37 18.85
C ARG B 269 23.54 -7.25 18.51
N THR B 270 22.70 -8.13 19.09
CA THR B 270 21.25 -8.08 18.89
C THR B 270 20.68 -6.72 19.29
N GLN B 271 21.09 -6.22 20.46
CA GLN B 271 20.64 -4.93 20.96
C GLN B 271 21.23 -3.75 20.21
N CYS B 272 22.44 -3.92 19.63
CA CYS B 272 23.09 -2.84 18.87
C CYS B 272 22.38 -2.66 17.54
N GLU B 273 21.96 -3.77 16.89
CA GLU B 273 21.22 -3.65 15.64
C GLU B 273 19.87 -3.00 15.88
N LYS B 274 19.21 -3.28 17.02
CA LYS B 274 17.91 -2.66 17.32
C LYS B 274 18.07 -1.16 17.47
N ALA B 275 19.09 -0.74 18.22
CA ALA B 275 19.38 0.67 18.45
C ALA B 275 19.68 1.39 17.13
N LYS B 276 20.44 0.72 16.22
CA LYS B 276 20.77 1.24 14.90
C LYS B 276 19.49 1.59 14.12
N ARG B 277 18.52 0.66 14.11
CA ARG B 277 17.26 0.87 13.42
C ARG B 277 16.50 2.06 14.01
N VAL B 278 16.45 2.18 15.34
CA VAL B 278 15.78 3.28 16.03
C VAL B 278 16.40 4.62 15.63
N LEU B 279 17.75 4.66 15.52
CA LEU B 279 18.51 5.84 15.13
C LEU B 279 18.22 6.35 13.71
N SER B 280 17.52 5.55 12.88
CA SER B 280 17.12 6.00 11.55
C SER B 280 15.88 6.91 11.62
N SER B 281 15.12 6.89 12.73
CA SER B 281 13.95 7.76 12.88
C SER B 281 13.94 8.56 14.20
N SER B 282 14.91 8.33 15.09
CA SER B 282 15.04 9.09 16.34
C SER B 282 16.46 9.66 16.47
N ALA B 283 16.65 10.70 17.30
CA ALA B 283 17.98 11.28 17.51
C ALA B 283 18.83 10.50 18.51
N GLN B 284 18.21 9.60 19.29
CA GLN B 284 18.83 8.83 20.35
C GLN B 284 18.21 7.45 20.46
N ALA B 285 18.94 6.51 21.03
CA ALA B 285 18.48 5.15 21.26
C ALA B 285 19.22 4.57 22.46
N THR B 286 18.62 3.59 23.13
CA THR B 286 19.24 2.94 24.28
C THR B 286 19.66 1.52 23.95
N ILE B 287 20.88 1.15 24.32
CA ILE B 287 21.37 -0.21 24.19
C ILE B 287 21.38 -0.74 25.60
N GLU B 288 20.67 -1.83 25.84
CA GLU B 288 20.52 -2.38 27.18
C GLU B 288 20.53 -3.90 27.19
N VAL B 289 21.43 -4.48 28.00
CA VAL B 289 21.56 -5.94 28.13
C VAL B 289 21.68 -6.24 29.60
N ASP B 290 20.65 -6.88 30.17
CA ASP B 290 20.67 -7.27 31.56
C ASP B 290 21.59 -8.47 31.70
N SER B 291 22.46 -8.46 32.75
CA SER B 291 23.43 -9.52 33.05
C SER B 291 24.22 -9.92 31.79
N LEU B 292 24.91 -8.93 31.22
CA LEU B 292 25.67 -9.08 29.98
C LEU B 292 26.89 -10.00 30.13
N PHE B 293 27.79 -9.68 31.10
CA PHE B 293 29.01 -10.42 31.40
C PHE B 293 29.19 -10.32 32.90
N ASP B 294 29.59 -11.44 33.54
CA ASP B 294 29.83 -11.50 34.99
C ASP B 294 28.64 -11.01 35.81
N GLY B 295 27.43 -11.24 35.31
CA GLY B 295 26.20 -10.82 35.97
C GLY B 295 26.02 -9.31 36.05
N ILE B 296 26.83 -8.55 35.29
CA ILE B 296 26.74 -7.09 35.30
C ILE B 296 25.78 -6.61 34.22
N ASP B 297 24.84 -5.73 34.60
CA ASP B 297 23.89 -5.15 33.68
C ASP B 297 24.59 -4.06 32.87
N TYR B 298 24.23 -3.94 31.58
CA TYR B 298 24.80 -2.92 30.72
C TYR B 298 23.73 -2.03 30.14
N ASN B 299 23.98 -0.72 30.14
CA ASN B 299 23.08 0.29 29.63
C ASN B 299 23.91 1.45 29.07
N VAL B 300 23.54 1.95 27.88
CA VAL B 300 24.19 3.10 27.27
C VAL B 300 23.21 3.83 26.34
N ASN B 301 23.34 5.15 26.23
CA ASN B 301 22.51 5.91 25.31
C ASN B 301 23.40 6.31 24.14
N ILE B 302 22.95 6.02 22.91
CA ILE B 302 23.70 6.34 21.70
C ILE B 302 22.94 7.38 20.90
N THR B 303 23.57 8.52 20.63
CA THR B 303 22.96 9.55 19.80
C THR B 303 23.22 9.17 18.34
N ARG B 304 22.40 9.69 17.43
CA ARG B 304 22.57 9.50 15.99
C ARG B 304 23.95 10.06 15.57
N ALA B 305 24.39 11.18 16.18
CA ALA B 305 25.69 11.80 15.93
C ALA B 305 26.85 10.86 16.26
N LYS B 306 26.77 10.13 17.39
CA LYS B 306 27.82 9.20 17.78
C LYS B 306 27.88 8.00 16.83
N PHE B 307 26.71 7.50 16.40
CA PHE B 307 26.62 6.40 15.45
C PHE B 307 27.24 6.83 14.11
N GLU B 308 26.91 8.04 13.66
CA GLU B 308 27.45 8.61 12.43
C GLU B 308 28.97 8.77 12.50
N GLU B 309 29.50 9.11 13.69
CA GLU B 309 30.93 9.27 13.92
C GLU B 309 31.63 7.90 13.83
N LEU B 310 31.11 6.88 14.53
CA LEU B 310 31.70 5.55 14.49
C LEU B 310 31.74 4.96 13.07
N CYS B 311 30.73 5.29 12.25
CA CYS B 311 30.58 4.76 10.88
C CYS B 311 30.99 5.71 9.76
N MET B 312 31.49 6.91 10.12
CA MET B 312 31.88 8.00 9.23
C MET B 312 32.62 7.57 7.98
N ASP B 313 33.69 6.78 8.13
CA ASP B 313 34.51 6.32 7.00
C ASP B 313 33.72 5.34 6.13
N GLN B 314 33.03 4.39 6.75
CA GLN B 314 32.26 3.40 6.00
C GLN B 314 31.13 4.02 5.21
N PHE B 315 30.48 5.03 5.78
CA PHE B 315 29.37 5.73 5.12
C PHE B 315 29.88 6.50 3.91
N ARG B 316 30.96 7.27 4.10
CA ARG B 316 31.57 8.08 3.07
C ARG B 316 32.11 7.20 1.94
N ASN B 317 32.70 6.05 2.28
CA ASN B 317 33.27 5.13 1.29
C ASN B 317 32.24 4.47 0.38
N THR B 318 30.94 4.57 0.71
CA THR B 318 29.90 4.07 -0.19
C THR B 318 29.88 4.86 -1.50
N LEU B 319 30.41 6.10 -1.50
CA LEU B 319 30.46 6.90 -2.71
C LEU B 319 31.56 6.44 -3.67
N ILE B 320 32.58 5.70 -3.19
CA ILE B 320 33.66 5.23 -4.06
C ILE B 320 33.13 4.32 -5.19
N PRO B 321 32.32 3.26 -4.91
CA PRO B 321 31.75 2.47 -6.01
C PRO B 321 30.79 3.27 -6.91
N VAL B 322 30.20 4.37 -6.40
CA VAL B 322 29.34 5.24 -7.21
C VAL B 322 30.23 5.95 -8.27
N GLU B 323 31.35 6.51 -7.82
CA GLU B 323 32.29 7.17 -8.70
C GLU B 323 32.87 6.16 -9.71
N LYS B 324 33.15 4.93 -9.26
CA LYS B 324 33.67 3.87 -10.13
C LYS B 324 32.70 3.48 -11.26
N VAL B 325 31.38 3.27 -10.97
CA VAL B 325 30.44 2.91 -12.04
C VAL B 325 30.29 4.04 -13.05
N LEU B 326 30.32 5.30 -12.57
CA LEU B 326 30.19 6.46 -13.47
C LEU B 326 31.41 6.51 -14.39
N LYS B 327 32.61 6.29 -13.83
CA LYS B 327 33.86 6.24 -14.59
C LYS B 327 33.81 5.10 -15.63
N ASP B 328 33.45 3.86 -15.21
CA ASP B 328 33.36 2.72 -16.11
C ASP B 328 32.36 2.95 -17.23
N ALA B 329 31.20 3.55 -16.91
CA ALA B 329 30.19 3.85 -17.93
C ALA B 329 30.52 5.10 -18.75
N LYS B 330 31.64 5.77 -18.46
CA LYS B 330 32.08 6.97 -19.14
C LYS B 330 31.01 8.06 -19.09
N MET B 331 30.50 8.35 -17.87
CA MET B 331 29.51 9.41 -17.74
C MET B 331 29.70 10.22 -16.46
N ASP B 332 29.23 11.47 -16.51
CA ASP B 332 29.26 12.43 -15.42
C ASP B 332 28.08 12.20 -14.48
N LYS B 333 28.24 12.52 -13.18
CA LYS B 333 27.15 12.36 -12.21
C LYS B 333 25.90 13.17 -12.57
N SER B 334 26.08 14.28 -13.30
CA SER B 334 25.00 15.13 -13.77
C SER B 334 24.10 14.41 -14.79
N GLN B 335 24.61 13.38 -15.46
CA GLN B 335 23.86 12.61 -16.45
C GLN B 335 22.95 11.55 -15.85
N VAL B 336 22.99 11.34 -14.52
CA VAL B 336 22.14 10.36 -13.86
C VAL B 336 20.73 10.96 -13.68
N HIS B 337 19.72 10.35 -14.32
CA HIS B 337 18.34 10.81 -14.28
C HIS B 337 17.64 10.44 -12.99
N GLU B 338 17.89 9.22 -12.45
CA GLU B 338 17.26 8.78 -11.20
C GLU B 338 18.26 8.01 -10.36
N ILE B 339 18.24 8.22 -9.03
CA ILE B 339 19.04 7.47 -8.07
C ILE B 339 18.05 6.68 -7.23
N VAL B 340 18.06 5.34 -7.29
CA VAL B 340 17.12 4.51 -6.55
C VAL B 340 17.76 3.90 -5.31
N LEU B 341 17.18 4.14 -4.14
CA LEU B 341 17.67 3.56 -2.89
C LEU B 341 17.03 2.21 -2.64
N VAL B 342 17.86 1.15 -2.59
CA VAL B 342 17.45 -0.24 -2.36
C VAL B 342 18.25 -0.77 -1.16
N GLY B 343 17.67 -1.71 -0.41
CA GLY B 343 18.34 -2.29 0.73
C GLY B 343 17.96 -1.60 2.02
N GLY B 344 17.84 -2.40 3.07
CA GLY B 344 17.44 -1.89 4.37
C GLY B 344 18.34 -0.83 4.96
N SER B 345 19.66 -0.88 4.67
CA SER B 345 20.60 0.11 5.21
C SER B 345 20.43 1.51 4.60
N THR B 346 19.75 1.62 3.44
CA THR B 346 19.50 2.95 2.86
C THR B 346 18.47 3.76 3.67
N ARG B 347 17.90 3.18 4.74
CA ARG B 347 17.03 3.93 5.64
C ARG B 347 17.87 4.87 6.53
N ILE B 348 19.20 4.65 6.67
CA ILE B 348 20.08 5.48 7.50
C ILE B 348 20.13 6.88 6.92
N PRO B 349 19.65 7.89 7.67
CA PRO B 349 19.61 9.26 7.13
C PRO B 349 20.93 9.78 6.60
N LYS B 350 22.06 9.48 7.26
CA LYS B 350 23.37 9.96 6.82
C LYS B 350 23.74 9.45 5.44
N ILE B 351 23.38 8.20 5.13
CA ILE B 351 23.64 7.63 3.82
C ILE B 351 22.79 8.36 2.76
N GLN B 352 21.52 8.64 3.07
CA GLN B 352 20.66 9.37 2.16
C GLN B 352 21.20 10.77 1.89
N GLN B 353 21.69 11.46 2.94
CA GLN B 353 22.27 12.78 2.83
C GLN B 353 23.55 12.77 1.99
N LEU B 354 24.44 11.80 2.23
CA LEU B 354 25.70 11.69 1.46
C LEU B 354 25.44 11.49 -0.04
N ILE B 355 24.44 10.65 -0.41
CA ILE B 355 24.08 10.39 -1.80
C ILE B 355 23.47 11.66 -2.44
N LYS B 356 22.57 12.35 -1.71
CA LYS B 356 21.92 13.57 -2.18
C LYS B 356 22.98 14.65 -2.44
N ASP B 357 23.92 14.83 -1.50
CA ASP B 357 25.01 15.80 -1.64
C ASP B 357 25.92 15.44 -2.81
N PHE B 358 26.26 14.14 -2.97
CA PHE B 358 27.09 13.69 -4.09
C PHE B 358 26.45 14.06 -5.44
N PHE B 359 25.13 13.88 -5.53
CA PHE B 359 24.39 14.19 -6.74
C PHE B 359 23.85 15.64 -6.78
N ASN B 360 24.54 16.54 -6.10
CA ASN B 360 24.26 17.96 -6.08
C ASN B 360 22.80 18.31 -5.73
N GLY B 361 22.29 17.68 -4.69
CA GLY B 361 20.96 17.99 -4.19
C GLY B 361 19.80 17.26 -4.82
N LYS B 362 20.08 16.36 -5.78
CA LYS B 362 19.02 15.58 -6.42
C LYS B 362 18.38 14.63 -5.42
N GLU B 363 17.04 14.60 -5.38
CA GLU B 363 16.32 13.71 -4.48
C GLU B 363 16.32 12.28 -5.01
N PRO B 364 16.77 11.32 -4.19
CA PRO B 364 16.72 9.92 -4.63
C PRO B 364 15.30 9.34 -4.56
N CSX B 365 15.03 8.31 -5.36
CA CSX B 365 13.75 7.63 -5.36
CB CSX B 365 13.60 6.91 -6.69
SG CSX B 365 12.96 8.07 -7.88
C CSX B 365 13.78 6.65 -4.17
O CSX B 365 14.60 5.72 -4.16
OD CSX B 365 12.71 7.42 -9.11
N LYS B 366 12.93 6.87 -3.17
CA LYS B 366 12.86 6.03 -1.98
C LYS B 366 11.43 5.80 -1.45
N ALA B 367 10.41 6.05 -2.28
CA ALA B 367 9.01 5.90 -1.90
C ALA B 367 8.65 4.46 -1.57
N ILE B 368 9.25 3.50 -2.28
CA ILE B 368 9.02 2.09 -1.99
C ILE B 368 9.97 1.66 -0.89
N ASN B 369 9.48 0.92 0.17
CA ASN B 369 10.30 0.38 1.28
C ASN B 369 11.53 -0.28 0.65
N PRO B 370 12.73 0.21 0.97
CA PRO B 370 13.93 -0.22 0.20
C PRO B 370 14.22 -1.72 0.23
N ASP B 371 13.84 -2.39 1.30
CA ASP B 371 14.00 -3.82 1.39
C ASP B 371 12.88 -4.63 0.68
N GLU B 372 11.92 -3.92 0.02
CA GLU B 372 10.81 -4.47 -0.75
C GLU B 372 10.85 -4.12 -2.24
N ALA B 373 11.68 -3.14 -2.64
CA ALA B 373 11.72 -2.67 -4.03
C ALA B 373 12.08 -3.73 -5.04
N VAL B 374 12.98 -4.66 -4.69
CA VAL B 374 13.37 -5.72 -5.63
C VAL B 374 12.23 -6.71 -5.83
N ALA B 375 11.58 -7.14 -4.73
CA ALA B 375 10.43 -8.04 -4.83
C ALA B 375 9.28 -7.33 -5.57
N TYR B 376 9.11 -6.02 -5.33
CA TYR B 376 8.08 -5.19 -5.97
C TYR B 376 8.27 -5.25 -7.50
N GLY B 377 9.48 -4.98 -7.97
CA GLY B 377 9.77 -5.05 -9.38
C GLY B 377 9.65 -6.44 -9.96
N ALA B 378 10.08 -7.47 -9.22
CA ALA B 378 9.96 -8.85 -9.67
C ALA B 378 8.48 -9.21 -9.81
N ALA B 379 7.63 -8.75 -8.88
CA ALA B 379 6.19 -9.00 -8.92
C ALA B 379 5.57 -8.36 -10.15
N VAL B 380 6.00 -7.13 -10.50
CA VAL B 380 5.51 -6.43 -11.69
C VAL B 380 5.90 -7.22 -12.94
N GLN B 381 7.15 -7.65 -13.02
CA GLN B 381 7.65 -8.43 -14.14
C GLN B 381 6.93 -9.78 -14.25
N ALA B 382 6.64 -10.41 -13.12
CA ALA B 382 5.92 -11.69 -13.11
C ALA B 382 4.52 -11.53 -13.67
N ALA B 383 3.83 -10.42 -13.34
CA ALA B 383 2.49 -10.14 -13.82
C ALA B 383 2.52 -9.90 -15.33
N ILE B 384 3.49 -9.09 -15.84
CA ILE B 384 3.67 -8.84 -17.28
C ILE B 384 3.91 -10.17 -18.01
N LEU B 385 4.85 -10.99 -17.54
CA LEU B 385 5.14 -12.28 -18.16
C LEU B 385 3.99 -13.29 -18.08
N SER B 386 2.99 -13.03 -17.25
CA SER B 386 1.81 -13.88 -17.16
C SER B 386 0.65 -13.37 -18.03
N GLY B 387 0.83 -12.27 -18.75
CA GLY B 387 -0.20 -11.71 -19.61
C GLY B 387 -1.03 -10.60 -19.01
N ASP B 388 -0.67 -10.14 -17.81
CA ASP B 388 -1.40 -9.06 -17.15
C ASP B 388 -0.74 -7.69 -17.46
C1 GOL C . -34.28 -0.56 -13.89
O1 GOL C . -33.76 0.67 -14.38
C2 GOL C . -33.31 -1.19 -12.92
O2 GOL C . -32.84 -0.19 -11.99
C3 GOL C . -33.98 -2.31 -12.16
O3 GOL C . -33.06 -2.90 -11.26
C2 PG4 D . -28.21 10.47 -20.38
O2 PG4 D . -28.38 10.41 -18.97
C3 PG4 D . -29.73 10.21 -18.60
C4 PG4 D . -30.08 8.76 -18.63
O3 PG4 D . -31.45 8.60 -18.29
C5 PG4 D . -31.82 7.27 -17.95
C6 PG4 D . -33.18 6.94 -18.49
N3B AN2 E . -20.51 7.30 -2.13
PB AN2 E . -20.03 8.93 -2.01
O2B AN2 E . -19.75 9.19 -0.61
O1B AN2 E . -18.76 9.18 -2.92
O3A AN2 E . -21.23 9.91 -2.39
PA AN2 E . -21.29 11.39 -3.03
O1A AN2 E . -20.06 11.85 -3.81
O2A AN2 E . -22.58 11.21 -3.77
O5' AN2 E . -21.49 12.31 -1.74
C5' AN2 E . -22.67 12.21 -0.96
C4' AN2 E . -22.66 13.36 0.06
O4' AN2 E . -22.87 14.50 -0.77
C3' AN2 E . -23.86 13.35 0.99
O3' AN2 E . -23.43 13.56 2.34
C2' AN2 E . -24.73 14.52 0.56
O2' AN2 E . -25.40 15.22 1.62
C1' AN2 E . -23.69 15.40 -0.11
N9 AN2 E . -24.30 16.32 -1.07
C8 AN2 E . -25.00 16.06 -2.20
N7 AN2 E . -25.44 17.20 -2.78
C5 AN2 E . -25.08 18.20 -1.95
C4 AN2 E . -24.36 17.61 -0.81
N3 AN2 E . -23.86 18.39 0.18
C2 AN2 E . -24.03 19.72 0.12
N1 AN2 E . -24.67 20.34 -0.90
C6 AN2 E . -25.28 19.65 -1.89
N6 AN2 E . -25.98 20.25 -2.87
C1 GOL F . -13.88 3.61 3.01
O1 GOL F . -13.62 2.62 2.05
C2 GOL F . -12.84 3.53 4.12
O2 GOL F . -11.56 3.57 3.55
C3 GOL F . -12.97 2.24 4.87
O3 GOL F . -12.52 1.20 4.04
C1 GOL G . 0.40 6.12 -2.00
O1 GOL G . 0.50 7.54 -2.10
C2 GOL G . 0.02 5.51 -3.33
O2 GOL G . 0.60 6.27 -4.40
C3 GOL G . -1.48 5.39 -3.52
O3 GOL G . -1.82 4.71 -4.73
C1 GOL H . -31.58 14.22 -0.03
O1 GOL H . -31.00 14.74 1.16
C2 GOL H . -32.89 14.93 -0.35
O2 GOL H . -32.64 16.32 -0.57
C3 GOL H . -33.54 14.33 -1.57
O3 GOL H . -33.74 12.93 -1.43
C1 GOL I . -28.09 12.81 -4.66
O1 GOL I . -27.11 12.32 -3.73
C2 GOL I . -28.95 11.72 -5.26
O2 GOL I . -30.12 11.49 -4.44
C3 GOL I . -29.39 12.03 -6.67
O3 GOL I . -28.28 12.28 -7.54
C1 GOL J . -25.57 11.77 4.31
O1 GOL J . -24.90 13.01 4.15
C2 GOL J . -25.07 10.72 3.35
O2 GOL J . -24.37 9.69 4.07
C3 GOL J . -26.24 10.11 2.59
O3 GOL J . -26.90 11.10 1.78
P PO4 K . -15.61 7.01 -1.71
O1 PO4 K . -14.22 6.29 -2.03
O2 PO4 K . -15.53 8.57 -2.04
O3 PO4 K . -15.92 6.83 -0.17
O4 PO4 K . -16.82 6.34 -2.52
CL CL L . -29.51 5.20 -25.58
CL CL M . -18.93 1.02 -24.69
C1 GOL N . -7.40 -11.99 -2.31
O1 GOL N . -6.91 -12.70 -3.42
C2 GOL N . -6.65 -12.42 -1.08
O2 GOL N . -6.70 -13.84 -0.99
C3 GOL N . -7.33 -11.82 0.13
O3 GOL N . -6.59 -12.08 1.31
N3B AN2 O . 19.14 -7.64 0.58
PB AN2 O . 19.39 -8.19 2.20
O2B AN2 O . 19.25 -9.66 2.22
O1B AN2 O . 20.88 -7.88 2.73
O3A AN2 O . 18.27 -7.57 3.22
PA AN2 O . 17.98 -6.03 3.69
O1A AN2 O . 17.99 -5.14 2.47
O2A AN2 O . 16.76 -6.06 4.59
O5' AN2 O . 19.24 -5.66 4.63
C5' AN2 O . 19.23 -5.95 6.02
C4' AN2 O . 20.20 -4.98 6.66
O4' AN2 O . 19.56 -3.70 6.66
C3' AN2 O . 20.51 -5.32 8.10
O3' AN2 O . 21.89 -4.99 8.31
C2' AN2 O . 19.65 -4.32 8.86
O2' AN2 O . 20.13 -4.00 10.15
C1' AN2 O . 19.65 -3.12 7.95
N9 AN2 O . 18.45 -2.31 8.24
C8 AN2 O . 17.17 -2.72 8.16
N7 AN2 O . 16.32 -1.74 8.55
C5 AN2 O . 17.07 -0.70 8.95
C4 AN2 O . 18.48 -1.10 8.78
N3 AN2 O . 19.45 -0.22 9.09
C2 AN2 O . 19.16 0.99 9.59
N1 AN2 O . 17.90 1.43 9.77
C6 AN2 O . 16.83 0.66 9.49
N6 AN2 O . 15.58 1.10 9.70
C1 GOL P . 28.39 -14.21 -2.73
O1 GOL P . 29.79 -14.23 -2.98
C2 GOL P . 27.65 -13.37 -3.75
O2 GOL P . 28.21 -12.07 -3.78
C3 GOL P . 26.18 -13.27 -3.40
O3 GOL P . 25.99 -12.48 -2.23
C1 GOL Q . 4.54 -20.57 5.39
O1 GOL Q . 5.07 -21.90 5.41
C2 GOL Q . 3.24 -20.50 6.17
O2 GOL Q . 2.60 -19.26 5.87
C3 GOL Q . 2.32 -21.65 5.84
O3 GOL Q . 2.80 -22.87 6.40
C1 GOL R . 20.93 -9.43 10.71
O1 GOL R . 19.58 -9.12 11.03
C2 GOL R . 21.46 -8.49 9.66
O2 GOL R . 21.00 -8.91 8.37
C3 GOL R . 22.96 -8.46 9.67
O3 GOL R . 23.44 -7.92 10.90
C1 GOL S . 12.98 -7.58 10.66
O1 GOL S . 12.40 -8.71 11.31
C2 GOL S . 12.76 -7.64 9.17
O2 GOL S . 11.35 -7.67 8.89
C3 GOL S . 13.39 -6.46 8.46
O3 GOL S . 14.81 -6.56 8.44
C10 WM7 T . 4.94 3.56 -9.50
C13 WM7 T . 4.78 2.55 -12.07
C01 WM7 T . 5.54 0.27 -11.31
C03 WM7 T . 3.21 -0.62 -11.43
C04 WM7 T . 2.21 -1.59 -12.10
C05 WM7 T . 1.24 -1.92 -10.97
C07 WM7 T . 3.06 -0.93 -9.95
C08 WM7 T . 5.20 1.72 -11.04
C09 WM7 T . 5.26 2.23 -9.75
C11 WM7 T . 4.53 4.37 -10.53
C12 WM7 T . 4.44 3.87 -11.81
N02 WM7 T . 4.52 -0.45 -12.07
N06 WM7 T . 1.60 -1.04 -9.86
P PO4 U . 21.54 -8.79 -1.81
O1 PO4 U . 22.38 -9.18 -3.11
O2 PO4 U . 20.81 -7.37 -2.04
O3 PO4 U . 22.47 -8.66 -0.57
O4 PO4 U . 20.44 -9.91 -1.52
#